data_2YSV
#
_entry.id   2YSV
#
loop_
_entity.id
_entity.type
_entity.pdbx_description
1 polymer 'Zinc finger protein 473'
2 non-polymer 'ZINC ION'
#
_entity_poly.entity_id   1
_entity_poly.type   'polypeptide(L)'
_entity_poly.pdbx_seq_one_letter_code
;GSSGSSGEKPYVCQECGKAFTQSSCLSIHRRVHTGESGPSSG
;
_entity_poly.pdbx_strand_id   A
#
loop_
_chem_comp.id
_chem_comp.type
_chem_comp.name
_chem_comp.formula
ZN non-polymer 'ZINC ION' 'Zn 2'
#
# COMPACT_ATOMS: atom_id res chain seq x y z
N GLY A 1 4.09 -14.50 16.01
CA GLY A 1 2.87 -14.52 16.81
C GLY A 1 1.86 -13.49 16.35
N SER A 2 0.61 -13.68 16.74
CA SER A 2 -0.45 -12.76 16.36
C SER A 2 -1.25 -12.31 17.59
N SER A 3 -1.75 -11.08 17.55
CA SER A 3 -2.52 -10.53 18.65
C SER A 3 -4.00 -10.45 18.30
N GLY A 4 -4.84 -10.27 19.31
CA GLY A 4 -6.27 -10.17 19.09
C GLY A 4 -6.76 -8.74 19.05
N SER A 5 -6.27 -7.96 18.10
CA SER A 5 -6.67 -6.57 17.97
C SER A 5 -6.35 -6.04 16.57
N SER A 6 -6.90 -4.88 16.24
CA SER A 6 -6.68 -4.27 14.93
C SER A 6 -5.70 -3.11 15.03
N GLY A 7 -5.23 -2.65 13.88
CA GLY A 7 -4.28 -1.54 13.85
C GLY A 7 -2.85 -2.02 13.65
N GLU A 8 -2.69 -3.09 12.88
CA GLU A 8 -1.36 -3.64 12.61
C GLU A 8 -0.87 -3.22 11.23
N LYS A 9 0.09 -2.30 11.20
CA LYS A 9 0.65 -1.81 9.94
C LYS A 9 -0.46 -1.31 9.02
N PRO A 10 -1.09 -0.18 9.41
CA PRO A 10 -2.16 0.43 8.63
C PRO A 10 -1.80 0.57 7.15
N TYR A 11 -0.54 0.89 6.88
CA TYR A 11 -0.07 1.06 5.51
C TYR A 11 -0.19 -0.24 4.73
N VAL A 12 -1.29 -0.39 4.00
CA VAL A 12 -1.53 -1.58 3.20
C VAL A 12 -2.12 -1.24 1.84
N CYS A 13 -1.32 -1.41 0.79
CA CYS A 13 -1.75 -1.12 -0.57
C CYS A 13 -3.05 -1.85 -0.89
N GLN A 14 -3.89 -1.21 -1.71
CA GLN A 14 -5.17 -1.80 -2.10
C GLN A 14 -5.22 -2.06 -3.60
N GLU A 15 -4.45 -1.27 -4.35
CA GLU A 15 -4.41 -1.41 -5.80
C GLU A 15 -4.07 -2.85 -6.20
N CYS A 16 -2.99 -3.37 -5.64
CA CYS A 16 -2.55 -4.73 -5.94
C CYS A 16 -2.79 -5.65 -4.75
N GLY A 17 -2.73 -5.07 -3.54
CA GLY A 17 -2.94 -5.86 -2.34
C GLY A 17 -1.66 -6.46 -1.81
N LYS A 18 -0.68 -5.62 -1.52
CA LYS A 18 0.60 -6.08 -1.00
C LYS A 18 0.93 -5.40 0.33
N ALA A 19 1.35 -6.19 1.30
CA ALA A 19 1.70 -5.66 2.61
C ALA A 19 3.21 -5.43 2.73
N PHE A 20 3.61 -4.81 3.84
CA PHE A 20 5.03 -4.52 4.07
C PHE A 20 5.39 -4.71 5.54
N THR A 21 6.44 -5.48 5.79
CA THR A 21 6.89 -5.73 7.16
C THR A 21 7.42 -4.46 7.81
N GLN A 22 7.98 -3.57 7.01
CA GLN A 22 8.52 -2.31 7.51
C GLN A 22 7.54 -1.17 7.29
N SER A 23 7.91 0.02 7.73
CA SER A 23 7.06 1.20 7.58
C SER A 23 7.59 2.12 6.49
N SER A 24 6.77 3.08 6.09
CA SER A 24 7.15 4.03 5.05
C SER A 24 7.56 3.30 3.77
N CYS A 25 7.00 2.11 3.57
CA CYS A 25 7.31 1.31 2.40
C CYS A 25 6.30 1.56 1.28
N LEU A 26 5.02 1.63 1.65
CA LEU A 26 3.96 1.87 0.68
C LEU A 26 4.20 3.17 -0.07
N SER A 27 4.90 4.10 0.56
CA SER A 27 5.19 5.39 -0.05
C SER A 27 5.94 5.21 -1.36
N ILE A 28 7.13 4.62 -1.28
CA ILE A 28 7.95 4.40 -2.46
C ILE A 28 7.26 3.44 -3.43
N HIS A 29 6.43 2.55 -2.89
CA HIS A 29 5.70 1.59 -3.70
C HIS A 29 4.78 2.30 -4.70
N ARG A 30 3.99 3.25 -4.20
CA ARG A 30 3.08 4.00 -5.05
C ARG A 30 3.81 4.69 -6.18
N ARG A 31 5.08 5.00 -5.94
CA ARG A 31 5.91 5.67 -6.95
C ARG A 31 6.11 4.78 -8.16
N VAL A 32 6.32 3.49 -7.92
CA VAL A 32 6.53 2.53 -9.00
C VAL A 32 5.32 1.62 -9.16
N HIS A 33 4.14 2.18 -8.98
CA HIS A 33 2.89 1.42 -9.11
C HIS A 33 2.19 1.75 -10.41
N THR A 34 2.94 1.73 -11.52
CA THR A 34 2.38 2.02 -12.82
C THR A 34 2.16 0.75 -13.63
N GLY A 35 1.22 0.80 -14.57
CA GLY A 35 0.93 -0.35 -15.40
C GLY A 35 0.13 -1.40 -14.66
N GLU A 36 -0.35 -2.41 -15.39
CA GLU A 36 -1.14 -3.48 -14.80
C GLU A 36 -0.56 -4.84 -15.16
N SER A 37 -1.23 -5.90 -14.69
CA SER A 37 -0.78 -7.26 -14.97
C SER A 37 -1.98 -8.19 -15.20
N GLY A 38 -1.83 -9.11 -16.14
CA GLY A 38 -2.90 -10.04 -16.44
C GLY A 38 -2.41 -11.47 -16.55
N PRO A 39 -3.36 -12.43 -16.56
CA PRO A 39 -3.04 -13.86 -16.67
C PRO A 39 -2.06 -14.15 -17.79
N SER A 40 -2.11 -13.35 -18.85
CA SER A 40 -1.23 -13.53 -20.00
C SER A 40 0.20 -13.17 -19.63
N SER A 41 1.06 -14.18 -19.58
CA SER A 41 2.46 -13.98 -19.24
C SER A 41 3.36 -14.85 -20.11
N GLY A 42 4.59 -14.40 -20.32
CA GLY A 42 5.53 -15.16 -21.12
C GLY A 42 5.98 -16.44 -20.46
ZN ZN B . 0.39 -1.91 -4.89
N GLY A 1 -16.48 -20.36 12.49
CA GLY A 1 -15.53 -20.16 13.58
C GLY A 1 -14.18 -19.70 13.09
N SER A 2 -14.12 -18.49 12.54
CA SER A 2 -12.87 -17.94 12.03
C SER A 2 -12.28 -16.93 13.01
N SER A 3 -11.17 -17.30 13.63
CA SER A 3 -10.50 -16.43 14.59
C SER A 3 -9.62 -15.41 13.89
N GLY A 4 -8.91 -15.86 12.85
CA GLY A 4 -8.04 -14.96 12.11
C GLY A 4 -8.80 -13.82 11.47
N SER A 5 -8.44 -12.59 11.84
CA SER A 5 -9.09 -11.41 11.29
C SER A 5 -8.16 -10.21 11.30
N SER A 6 -8.11 -9.48 10.20
CA SER A 6 -7.26 -8.31 10.08
C SER A 6 -7.56 -7.30 11.18
N GLY A 7 -6.61 -7.11 12.09
CA GLY A 7 -6.80 -6.17 13.17
C GLY A 7 -6.03 -4.88 12.96
N GLU A 8 -4.91 -4.97 12.25
CA GLU A 8 -4.08 -3.80 11.98
C GLU A 8 -3.63 -3.77 10.52
N LYS A 9 -3.65 -2.59 9.93
CA LYS A 9 -3.25 -2.43 8.52
C LYS A 9 -3.03 -0.96 8.19
N PRO A 10 -1.97 -0.37 8.74
CA PRO A 10 -1.63 1.04 8.51
C PRO A 10 -1.07 1.27 7.12
N TYR A 11 -0.16 0.40 6.69
CA TYR A 11 0.45 0.52 5.38
C TYR A 11 0.20 -0.74 4.55
N VAL A 12 -0.94 -0.77 3.86
CA VAL A 12 -1.30 -1.91 3.02
C VAL A 12 -1.77 -1.46 1.64
N CYS A 13 -0.94 -1.70 0.63
CA CYS A 13 -1.27 -1.32 -0.73
C CYS A 13 -2.62 -1.89 -1.16
N GLN A 14 -3.40 -1.09 -1.87
CA GLN A 14 -4.72 -1.53 -2.34
C GLN A 14 -4.73 -1.71 -3.85
N GLU A 15 -3.87 -0.96 -4.54
CA GLU A 15 -3.78 -1.04 -5.99
C GLU A 15 -3.59 -2.48 -6.45
N CYS A 16 -2.51 -3.10 -5.97
CA CYS A 16 -2.21 -4.48 -6.34
C CYS A 16 -2.38 -5.41 -5.14
N GLY A 17 -2.21 -4.85 -3.94
CA GLY A 17 -2.34 -5.64 -2.73
C GLY A 17 -1.01 -6.11 -2.20
N LYS A 18 -0.53 -5.46 -1.14
CA LYS A 18 0.75 -5.80 -0.53
C LYS A 18 0.97 -5.02 0.76
N ALA A 19 1.13 -5.74 1.86
CA ALA A 19 1.36 -5.11 3.16
C ALA A 19 2.85 -5.05 3.49
N PHE A 20 3.19 -4.26 4.50
CA PHE A 20 4.58 -4.10 4.91
C PHE A 20 4.68 -3.86 6.42
N THR A 21 5.43 -4.72 7.10
CA THR A 21 5.61 -4.60 8.54
C THR A 21 7.04 -4.20 8.90
N GLN A 22 7.98 -4.56 8.03
CA GLN A 22 9.38 -4.23 8.25
C GLN A 22 9.60 -2.72 8.22
N SER A 23 9.39 -2.12 7.06
CA SER A 23 9.57 -0.68 6.91
C SER A 23 8.49 -0.09 6.00
N SER A 24 8.46 1.24 5.91
CA SER A 24 7.47 1.92 5.08
C SER A 24 7.80 1.76 3.61
N CYS A 25 7.38 0.63 3.04
CA CYS A 25 7.64 0.34 1.63
C CYS A 25 6.46 0.82 0.77
N LEU A 26 5.29 0.88 1.37
CA LEU A 26 4.08 1.30 0.65
C LEU A 26 4.31 2.64 -0.05
N SER A 27 5.16 3.48 0.56
CA SER A 27 5.47 4.79 0.00
C SER A 27 6.01 4.66 -1.41
N ILE A 28 7.25 4.20 -1.52
CA ILE A 28 7.89 4.02 -2.82
C ILE A 28 7.13 3.02 -3.68
N HIS A 29 6.44 2.10 -3.03
CA HIS A 29 5.67 1.08 -3.72
C HIS A 29 4.49 1.70 -4.47
N ARG A 30 3.93 2.75 -3.90
CA ARG A 30 2.79 3.44 -4.51
C ARG A 30 3.24 4.29 -5.69
N ARG A 31 4.49 4.75 -5.64
CA ARG A 31 5.05 5.57 -6.70
C ARG A 31 5.35 4.73 -7.95
N VAL A 32 5.60 3.44 -7.74
CA VAL A 32 5.88 2.53 -8.84
C VAL A 32 4.62 1.83 -9.32
N HIS A 33 3.55 2.60 -9.49
CA HIS A 33 2.28 2.05 -9.95
C HIS A 33 1.67 2.91 -11.04
N THR A 34 2.53 3.63 -11.77
CA THR A 34 2.08 4.51 -12.83
C THR A 34 2.69 4.10 -14.18
N GLY A 35 3.92 3.62 -14.14
CA GLY A 35 4.59 3.20 -15.35
C GLY A 35 3.90 2.03 -16.02
N GLU A 36 4.56 1.44 -17.00
CA GLU A 36 4.01 0.31 -17.73
C GLU A 36 2.64 0.66 -18.32
N SER A 37 2.45 1.94 -18.63
CA SER A 37 1.19 2.42 -19.21
C SER A 37 1.33 2.62 -20.70
N GLY A 38 0.97 1.59 -21.48
CA GLY A 38 1.06 1.69 -22.93
C GLY A 38 -0.29 1.90 -23.58
N PRO A 39 -0.32 1.90 -24.92
CA PRO A 39 -1.55 2.09 -25.69
C PRO A 39 -2.44 0.86 -25.65
N SER A 40 -1.83 -0.32 -25.63
CA SER A 40 -2.58 -1.57 -25.60
C SER A 40 -3.15 -1.83 -24.21
N SER A 41 -4.47 -1.65 -24.07
CA SER A 41 -5.14 -1.86 -22.79
C SER A 41 -6.58 -2.28 -23.00
N GLY A 42 -6.99 -3.32 -22.29
CA GLY A 42 -8.35 -3.82 -22.41
C GLY A 42 -8.69 -4.87 -21.37
ZN ZN B . 0.91 -2.18 -5.01
N GLY A 1 -0.10 -13.52 14.39
CA GLY A 1 -0.56 -12.25 14.92
C GLY A 1 0.57 -11.40 15.46
N SER A 2 1.09 -10.52 14.62
CA SER A 2 2.20 -9.64 15.02
C SER A 2 1.69 -8.45 15.81
N SER A 3 1.19 -8.72 17.02
CA SER A 3 0.67 -7.67 17.88
C SER A 3 1.71 -6.59 18.12
N GLY A 4 1.42 -5.38 17.66
CA GLY A 4 2.35 -4.28 17.83
C GLY A 4 3.17 -4.01 16.59
N SER A 5 3.08 -2.79 16.07
CA SER A 5 3.82 -2.41 14.86
C SER A 5 4.72 -1.22 15.14
N SER A 6 5.89 -1.21 14.50
CA SER A 6 6.85 -0.12 14.68
C SER A 6 6.59 1.00 13.66
N GLY A 7 6.51 2.23 14.16
CA GLY A 7 6.28 3.36 13.29
C GLY A 7 4.85 3.88 13.39
N GLU A 8 3.92 3.00 13.77
CA GLU A 8 2.52 3.38 13.90
C GLU A 8 1.95 3.79 12.55
N LYS A 9 2.18 2.96 11.54
CA LYS A 9 1.68 3.23 10.20
C LYS A 9 1.18 1.96 9.54
N PRO A 10 0.05 1.44 10.03
CA PRO A 10 -0.58 0.22 9.51
C PRO A 10 -1.25 0.45 8.16
N TYR A 11 -0.46 0.48 7.09
CA TYR A 11 -0.98 0.70 5.76
C TYR A 11 -0.80 -0.55 4.90
N VAL A 12 -1.69 -0.72 3.92
CA VAL A 12 -1.64 -1.87 3.03
C VAL A 12 -2.00 -1.47 1.60
N CYS A 13 -1.12 -1.78 0.65
CA CYS A 13 -1.34 -1.46 -0.75
C CYS A 13 -2.54 -2.23 -1.30
N GLN A 14 -3.66 -1.54 -1.47
CA GLN A 14 -4.87 -2.17 -1.99
C GLN A 14 -4.84 -2.24 -3.51
N GLU A 15 -4.10 -1.31 -4.12
CA GLU A 15 -3.99 -1.26 -5.57
C GLU A 15 -3.58 -2.63 -6.14
N CYS A 16 -2.39 -3.07 -5.76
CA CYS A 16 -1.87 -4.36 -6.24
C CYS A 16 -2.15 -5.45 -5.21
N GLY A 17 -2.28 -5.06 -3.94
CA GLY A 17 -2.54 -6.02 -2.89
C GLY A 17 -1.27 -6.50 -2.21
N LYS A 18 -0.61 -5.59 -1.51
CA LYS A 18 0.63 -5.91 -0.80
C LYS A 18 0.75 -5.11 0.49
N ALA A 19 0.94 -5.80 1.60
CA ALA A 19 1.08 -5.14 2.90
C ALA A 19 2.54 -5.12 3.35
N PHE A 20 2.87 -4.19 4.24
CA PHE A 20 4.22 -4.06 4.74
C PHE A 20 4.22 -3.65 6.21
N THR A 21 5.03 -4.32 7.02
CA THR A 21 5.12 -4.03 8.44
C THR A 21 6.52 -3.57 8.82
N GLN A 22 7.52 -4.05 8.09
CA GLN A 22 8.91 -3.69 8.36
C GLN A 22 9.07 -2.17 8.41
N SER A 23 8.95 -1.53 7.25
CA SER A 23 9.08 -0.08 7.16
C SER A 23 8.04 0.50 6.22
N SER A 24 8.11 1.81 6.01
CA SER A 24 7.16 2.50 5.14
C SER A 24 7.54 2.32 3.68
N CYS A 25 7.43 1.07 3.20
CA CYS A 25 7.76 0.76 1.81
C CYS A 25 6.65 1.23 0.88
N LEU A 26 5.44 1.30 1.40
CA LEU A 26 4.29 1.73 0.60
C LEU A 26 4.57 3.06 -0.10
N SER A 27 5.37 3.89 0.54
CA SER A 27 5.73 5.19 -0.01
C SER A 27 6.28 5.05 -1.42
N ILE A 28 7.50 4.52 -1.53
CA ILE A 28 8.14 4.33 -2.82
C ILE A 28 7.42 3.27 -3.64
N HIS A 29 6.91 2.25 -2.95
CA HIS A 29 6.18 1.17 -3.62
C HIS A 29 4.99 1.71 -4.40
N ARG A 30 4.44 2.81 -3.92
CA ARG A 30 3.28 3.43 -4.58
C ARG A 30 3.71 4.23 -5.80
N ARG A 31 4.97 4.69 -5.78
CA ARG A 31 5.50 5.48 -6.89
C ARG A 31 5.53 4.65 -8.17
N VAL A 32 5.64 3.34 -8.02
CA VAL A 32 5.69 2.43 -9.16
C VAL A 32 4.31 1.86 -9.47
N HIS A 33 3.28 2.69 -9.29
CA HIS A 33 1.91 2.27 -9.55
C HIS A 33 1.16 3.32 -10.38
N THR A 34 1.90 4.03 -11.22
CA THR A 34 1.32 5.06 -12.08
C THR A 34 1.84 4.97 -13.50
N GLY A 35 0.98 5.28 -14.46
CA GLY A 35 1.38 5.23 -15.86
C GLY A 35 0.46 6.02 -16.75
N GLU A 36 0.58 5.83 -18.07
CA GLU A 36 -0.24 6.54 -19.03
C GLU A 36 -1.60 5.87 -19.19
N SER A 37 -1.60 4.54 -19.21
CA SER A 37 -2.84 3.78 -19.35
C SER A 37 -3.08 2.90 -18.13
N GLY A 38 -4.35 2.74 -17.77
CA GLY A 38 -4.69 1.92 -16.62
C GLY A 38 -6.19 1.74 -16.48
N PRO A 39 -6.61 1.13 -15.35
CA PRO A 39 -8.03 0.89 -15.06
C PRO A 39 -8.77 2.17 -14.67
N SER A 40 -10.08 2.04 -14.46
CA SER A 40 -10.91 3.19 -14.10
C SER A 40 -10.85 4.27 -15.18
N SER A 41 -10.60 3.85 -16.41
CA SER A 41 -10.52 4.77 -17.53
C SER A 41 -11.90 5.40 -17.82
N GLY A 42 -11.88 6.57 -18.45
CA GLY A 42 -13.12 7.25 -18.77
C GLY A 42 -12.99 8.13 -19.99
ZN ZN B . 1.39 -1.96 -4.63
N GLY A 1 -15.17 -1.42 14.65
CA GLY A 1 -14.50 -0.16 14.37
C GLY A 1 -15.21 0.64 13.29
N SER A 2 -14.64 0.64 12.09
CA SER A 2 -15.22 1.37 10.97
C SER A 2 -14.92 0.68 9.64
N SER A 3 -15.49 1.20 8.56
CA SER A 3 -15.28 0.63 7.23
C SER A 3 -13.85 0.89 6.76
N GLY A 4 -12.93 0.02 7.15
CA GLY A 4 -11.54 0.18 6.74
C GLY A 4 -10.74 -1.11 6.90
N SER A 5 -10.39 -1.42 8.14
CA SER A 5 -9.61 -2.63 8.42
C SER A 5 -9.89 -3.12 9.84
N SER A 6 -9.35 -4.30 10.17
CA SER A 6 -9.54 -4.89 11.48
C SER A 6 -8.21 -5.38 12.05
N GLY A 7 -7.50 -4.50 12.75
CA GLY A 7 -6.22 -4.86 13.34
C GLY A 7 -5.16 -3.82 13.09
N GLU A 8 -3.90 -4.24 13.18
CA GLU A 8 -2.77 -3.33 12.95
C GLU A 8 -2.28 -3.43 11.52
N LYS A 9 -2.66 -2.45 10.70
CA LYS A 9 -2.27 -2.42 9.30
C LYS A 9 -2.69 -1.12 8.63
N PRO A 10 -2.03 -0.01 9.02
CA PRO A 10 -2.34 1.32 8.47
C PRO A 10 -1.82 1.48 7.05
N TYR A 11 -0.58 1.08 6.82
CA TYR A 11 0.03 1.18 5.49
C TYR A 11 -0.14 -0.11 4.70
N VAL A 12 -1.15 -0.15 3.83
CA VAL A 12 -1.42 -1.32 3.02
C VAL A 12 -1.72 -0.93 1.58
N CYS A 13 -1.03 -1.57 0.65
CA CYS A 13 -1.22 -1.30 -0.77
C CYS A 13 -2.44 -2.05 -1.32
N GLN A 14 -3.50 -1.31 -1.60
CA GLN A 14 -4.73 -1.90 -2.13
C GLN A 14 -4.63 -2.12 -3.63
N GLU A 15 -3.80 -1.31 -4.28
CA GLU A 15 -3.61 -1.42 -5.73
C GLU A 15 -3.26 -2.85 -6.13
N CYS A 16 -2.19 -3.37 -5.55
CA CYS A 16 -1.74 -4.73 -5.86
C CYS A 16 -2.17 -5.69 -4.75
N GLY A 17 -2.30 -5.17 -3.53
CA GLY A 17 -2.70 -6.00 -2.41
C GLY A 17 -1.51 -6.61 -1.69
N LYS A 18 -0.58 -5.77 -1.28
CA LYS A 18 0.61 -6.23 -0.57
C LYS A 18 0.72 -5.57 0.80
N ALA A 19 0.46 -6.35 1.84
CA ALA A 19 0.54 -5.85 3.21
C ALA A 19 1.95 -5.98 3.77
N PHE A 20 2.58 -4.86 4.07
CA PHE A 20 3.93 -4.86 4.61
C PHE A 20 3.90 -4.83 6.13
N THR A 21 3.40 -3.74 6.69
CA THR A 21 3.32 -3.58 8.14
C THR A 21 4.70 -3.71 8.79
N GLN A 22 5.72 -3.22 8.08
CA GLN A 22 7.09 -3.28 8.59
C GLN A 22 7.76 -1.92 8.50
N SER A 23 7.73 -1.33 7.31
CA SER A 23 8.34 -0.02 7.09
C SER A 23 7.47 0.84 6.19
N SER A 24 7.97 2.02 5.85
CA SER A 24 7.23 2.95 4.99
C SER A 24 7.60 2.72 3.53
N CYS A 25 7.57 1.46 3.10
CA CYS A 25 7.89 1.11 1.72
C CYS A 25 6.74 1.46 0.78
N LEU A 26 5.53 1.44 1.33
CA LEU A 26 4.34 1.76 0.53
C LEU A 26 4.51 3.08 -0.20
N SER A 27 5.27 3.99 0.40
CA SER A 27 5.52 5.31 -0.20
C SER A 27 6.07 5.16 -1.61
N ILE A 28 7.32 4.71 -1.71
CA ILE A 28 7.97 4.53 -3.00
C ILE A 28 7.29 3.44 -3.81
N HIS A 29 6.82 2.40 -3.12
CA HIS A 29 6.15 1.28 -3.77
C HIS A 29 4.96 1.77 -4.58
N ARG A 30 4.39 2.90 -4.16
CA ARG A 30 3.23 3.47 -4.84
C ARG A 30 3.67 4.38 -5.98
N ARG A 31 4.87 4.94 -5.86
CA ARG A 31 5.40 5.83 -6.88
C ARG A 31 5.48 5.14 -8.23
N VAL A 32 5.75 3.83 -8.21
CA VAL A 32 5.85 3.05 -9.42
C VAL A 32 4.48 2.64 -9.93
N HIS A 33 3.52 2.55 -9.01
CA HIS A 33 2.16 2.17 -9.36
C HIS A 33 1.48 3.25 -10.21
N THR A 34 1.64 3.15 -11.53
CA THR A 34 1.06 4.11 -12.45
C THR A 34 1.12 3.60 -13.89
N GLY A 35 0.04 3.82 -14.63
CA GLY A 35 -0.02 3.38 -16.01
C GLY A 35 -1.43 3.32 -16.54
N GLU A 36 -2.04 2.13 -16.46
CA GLU A 36 -3.40 1.94 -16.94
C GLU A 36 -4.42 2.51 -15.95
N SER A 37 -4.61 3.82 -16.01
CA SER A 37 -5.55 4.49 -15.12
C SER A 37 -6.82 4.90 -15.87
N GLY A 38 -7.87 5.22 -15.11
CA GLY A 38 -9.12 5.62 -15.72
C GLY A 38 -9.39 7.11 -15.56
N PRO A 39 -10.50 7.57 -16.15
CA PRO A 39 -10.89 8.98 -16.10
C PRO A 39 -11.43 9.38 -14.72
N SER A 40 -10.72 10.27 -14.05
CA SER A 40 -11.12 10.72 -12.72
C SER A 40 -11.29 12.24 -12.70
N SER A 41 -12.27 12.71 -11.93
CA SER A 41 -12.54 14.14 -11.82
C SER A 41 -12.84 14.74 -13.19
N GLY A 42 -13.48 13.95 -14.05
CA GLY A 42 -13.82 14.41 -15.38
C GLY A 42 -15.31 14.56 -15.57
ZN ZN B . 1.49 -2.19 -4.71
N GLY A 1 -19.39 -11.61 13.32
CA GLY A 1 -18.77 -12.57 14.22
C GLY A 1 -17.29 -12.33 14.39
N SER A 2 -16.90 -11.08 14.57
CA SER A 2 -15.50 -10.72 14.73
C SER A 2 -15.34 -9.23 15.04
N SER A 3 -14.36 -8.90 15.87
CA SER A 3 -14.10 -7.51 16.25
C SER A 3 -12.70 -7.36 16.84
N GLY A 4 -12.33 -6.11 17.13
CA GLY A 4 -11.02 -5.85 17.69
C GLY A 4 -9.90 -6.11 16.71
N SER A 5 -8.82 -5.36 16.84
CA SER A 5 -7.67 -5.51 15.95
C SER A 5 -6.43 -4.85 16.54
N SER A 6 -5.30 -5.55 16.46
CA SER A 6 -4.05 -5.02 16.99
C SER A 6 -2.97 -5.00 15.90
N GLY A 7 -2.84 -3.84 15.25
CA GLY A 7 -1.85 -3.70 14.20
C GLY A 7 -1.51 -2.24 13.92
N GLU A 8 -0.31 -1.83 14.33
CA GLU A 8 0.13 -0.45 14.12
C GLU A 8 0.68 -0.26 12.72
N LYS A 9 0.96 0.98 12.36
CA LYS A 9 1.49 1.30 11.04
C LYS A 9 0.60 0.73 9.93
N PRO A 10 -0.61 1.30 9.81
CA PRO A 10 -1.59 0.87 8.80
C PRO A 10 -1.21 1.33 7.40
N TYR A 11 -0.22 0.66 6.81
CA TYR A 11 0.24 1.00 5.48
C TYR A 11 0.20 -0.22 4.56
N VAL A 12 -0.90 -0.37 3.84
CA VAL A 12 -1.07 -1.50 2.92
C VAL A 12 -1.53 -1.03 1.55
N CYS A 13 -0.98 -1.64 0.50
CA CYS A 13 -1.32 -1.28 -0.86
C CYS A 13 -2.59 -2.00 -1.31
N GLN A 14 -3.48 -1.26 -1.95
CA GLN A 14 -4.74 -1.83 -2.43
C GLN A 14 -4.69 -2.07 -3.94
N GLU A 15 -3.87 -1.29 -4.62
CA GLU A 15 -3.73 -1.41 -6.07
C GLU A 15 -3.42 -2.85 -6.47
N CYS A 16 -2.37 -3.42 -5.88
CA CYS A 16 -1.98 -4.79 -6.17
C CYS A 16 -2.30 -5.71 -5.00
N GLY A 17 -2.31 -5.15 -3.80
CA GLY A 17 -2.60 -5.93 -2.61
C GLY A 17 -1.35 -6.45 -1.93
N LYS A 18 -0.61 -5.55 -1.29
CA LYS A 18 0.62 -5.93 -0.60
C LYS A 18 0.77 -5.15 0.70
N ALA A 19 0.98 -5.86 1.80
CA ALA A 19 1.14 -5.24 3.11
C ALA A 19 2.60 -5.25 3.54
N PHE A 20 2.95 -4.35 4.45
CA PHE A 20 4.32 -4.25 4.95
C PHE A 20 4.33 -4.02 6.45
N THR A 21 5.28 -4.66 7.14
CA THR A 21 5.39 -4.51 8.58
C THR A 21 6.75 -3.94 8.96
N GLN A 22 7.78 -4.28 8.19
CA GLN A 22 9.12 -3.80 8.46
C GLN A 22 9.16 -2.28 8.52
N SER A 23 9.04 -1.64 7.35
CA SER A 23 9.06 -0.18 7.27
C SER A 23 8.00 0.32 6.30
N SER A 24 7.96 1.64 6.10
CA SER A 24 6.99 2.24 5.19
C SER A 24 7.40 2.03 3.74
N CYS A 25 7.15 0.82 3.24
CA CYS A 25 7.49 0.49 1.85
C CYS A 25 6.41 0.97 0.89
N LEU A 26 5.18 1.09 1.40
CA LEU A 26 4.06 1.55 0.58
C LEU A 26 4.39 2.88 -0.10
N SER A 27 5.22 3.68 0.55
CA SER A 27 5.61 4.97 0.01
C SER A 27 6.25 4.81 -1.38
N ILE A 28 7.45 4.27 -1.39
CA ILE A 28 8.17 4.06 -2.64
C ILE A 28 7.44 3.07 -3.55
N HIS A 29 6.66 2.18 -2.93
CA HIS A 29 5.90 1.19 -3.67
C HIS A 29 4.83 1.85 -4.53
N ARG A 30 4.19 2.88 -3.97
CA ARG A 30 3.14 3.60 -4.68
C ARG A 30 3.72 4.37 -5.87
N ARG A 31 4.98 4.77 -5.76
CA ARG A 31 5.64 5.52 -6.81
C ARG A 31 5.57 4.77 -8.14
N VAL A 32 5.55 3.44 -8.06
CA VAL A 32 5.49 2.60 -9.24
C VAL A 32 4.08 2.04 -9.45
N HIS A 33 3.08 2.90 -9.27
CA HIS A 33 1.69 2.48 -9.43
C HIS A 33 0.89 3.57 -10.15
N THR A 34 0.34 3.23 -11.32
CA THR A 34 -0.45 4.16 -12.09
C THR A 34 -1.75 4.52 -11.37
N GLY A 35 -2.21 5.75 -11.58
CA GLY A 35 -3.44 6.19 -10.94
C GLY A 35 -3.70 7.67 -11.15
N GLU A 36 -4.48 7.99 -12.18
CA GLU A 36 -4.80 9.38 -12.49
C GLU A 36 -6.32 9.58 -12.55
N SER A 37 -6.74 10.84 -12.46
CA SER A 37 -8.16 11.17 -12.50
C SER A 37 -8.39 12.50 -13.20
N GLY A 38 -9.24 12.50 -14.22
CA GLY A 38 -9.53 13.73 -14.95
C GLY A 38 -10.67 14.51 -14.34
N PRO A 39 -11.05 15.63 -14.99
CA PRO A 39 -12.13 16.49 -14.52
C PRO A 39 -13.50 15.87 -14.73
N SER A 40 -14.13 15.45 -13.64
CA SER A 40 -15.45 14.83 -13.70
C SER A 40 -16.45 15.57 -12.80
N SER A 41 -17.59 15.93 -13.37
CA SER A 41 -18.62 16.64 -12.62
C SER A 41 -19.66 15.67 -12.07
N GLY A 42 -20.06 14.71 -12.89
CA GLY A 42 -21.04 13.73 -12.45
C GLY A 42 -22.39 14.36 -12.13
ZN ZN B . 1.03 -2.24 -4.96
N GLY A 1 4.01 -18.93 23.58
CA GLY A 1 4.90 -17.77 23.59
C GLY A 1 4.14 -16.46 23.57
N SER A 2 4.79 -15.40 24.06
CA SER A 2 4.18 -14.08 24.11
C SER A 2 5.22 -12.99 24.02
N SER A 3 4.93 -11.96 23.23
CA SER A 3 5.85 -10.84 23.06
C SER A 3 5.10 -9.52 22.90
N GLY A 4 5.83 -8.42 22.89
CA GLY A 4 5.22 -7.12 22.74
C GLY A 4 5.50 -6.49 21.39
N SER A 5 4.50 -5.79 20.86
CA SER A 5 4.64 -5.14 19.55
C SER A 5 5.01 -3.67 19.71
N SER A 6 6.18 -3.30 19.19
CA SER A 6 6.64 -1.92 19.28
C SER A 6 6.60 -1.25 17.92
N GLY A 7 6.83 -2.03 16.87
CA GLY A 7 6.81 -1.49 15.52
C GLY A 7 5.42 -1.51 14.90
N GLU A 8 4.84 -0.34 14.74
CA GLU A 8 3.50 -0.23 14.15
C GLU A 8 3.47 0.83 13.06
N LYS A 9 3.20 0.39 11.83
CA LYS A 9 3.14 1.30 10.69
C LYS A 9 2.04 0.89 9.72
N PRO A 10 0.78 1.10 10.14
CA PRO A 10 -0.39 0.77 9.33
C PRO A 10 -0.27 1.28 7.90
N TYR A 11 0.07 0.38 6.98
CA TYR A 11 0.22 0.76 5.57
C TYR A 11 0.05 -0.46 4.67
N VAL A 12 -0.91 -0.38 3.75
CA VAL A 12 -1.17 -1.46 2.82
C VAL A 12 -1.52 -0.94 1.44
N CYS A 13 -1.00 -1.60 0.41
CA CYS A 13 -1.25 -1.20 -0.97
C CYS A 13 -2.62 -1.68 -1.44
N GLN A 14 -3.48 -0.74 -1.80
CA GLN A 14 -4.82 -1.07 -2.27
C GLN A 14 -4.90 -1.02 -3.79
N GLU A 15 -3.86 -1.51 -4.45
CA GLU A 15 -3.81 -1.52 -5.91
C GLU A 15 -3.42 -2.90 -6.42
N CYS A 16 -2.43 -3.51 -5.79
CA CYS A 16 -1.98 -4.83 -6.20
C CYS A 16 -2.24 -5.86 -5.10
N GLY A 17 -2.23 -5.40 -3.85
CA GLY A 17 -2.48 -6.29 -2.73
C GLY A 17 -1.20 -6.70 -2.03
N LYS A 18 -0.65 -5.79 -1.22
CA LYS A 18 0.58 -6.06 -0.48
C LYS A 18 0.64 -5.23 0.79
N ALA A 19 1.12 -5.84 1.87
CA ALA A 19 1.24 -5.16 3.15
C ALA A 19 2.66 -5.23 3.69
N PHE A 20 3.12 -4.13 4.29
CA PHE A 20 4.46 -4.08 4.85
C PHE A 20 4.43 -3.70 6.32
N THR A 21 5.23 -4.40 7.12
CA THR A 21 5.29 -4.14 8.56
C THR A 21 6.68 -3.69 8.98
N GLN A 22 7.70 -4.17 8.25
CA GLN A 22 9.08 -3.81 8.56
C GLN A 22 9.28 -2.30 8.53
N SER A 23 8.77 -1.67 7.47
CA SER A 23 8.89 -0.23 7.31
C SER A 23 7.85 0.31 6.34
N SER A 24 7.88 1.61 6.10
CA SER A 24 6.94 2.25 5.19
C SER A 24 7.36 2.06 3.74
N CYS A 25 7.29 0.83 3.26
CA CYS A 25 7.68 0.51 1.89
C CYS A 25 6.56 0.86 0.92
N LEU A 26 5.32 0.84 1.41
CA LEU A 26 4.17 1.16 0.58
C LEU A 26 4.36 2.49 -0.14
N SER A 27 5.04 3.42 0.52
CA SER A 27 5.29 4.74 -0.05
C SER A 27 5.98 4.62 -1.41
N ILE A 28 7.26 4.27 -1.38
CA ILE A 28 8.02 4.11 -2.61
C ILE A 28 7.39 3.07 -3.53
N HIS A 29 6.65 2.14 -2.94
CA HIS A 29 5.99 1.09 -3.70
C HIS A 29 4.80 1.65 -4.49
N ARG A 30 4.24 2.75 -3.99
CA ARG A 30 3.10 3.38 -4.65
C ARG A 30 3.56 4.28 -5.79
N ARG A 31 4.79 4.76 -5.69
CA ARG A 31 5.35 5.65 -6.71
C ARG A 31 5.43 4.93 -8.06
N VAL A 32 5.62 3.61 -8.01
CA VAL A 32 5.71 2.80 -9.22
C VAL A 32 4.35 2.20 -9.59
N HIS A 33 3.28 2.90 -9.25
CA HIS A 33 1.93 2.44 -9.55
C HIS A 33 1.15 3.49 -10.32
N THR A 34 1.55 3.73 -11.56
CA THR A 34 0.88 4.71 -12.40
C THR A 34 1.07 4.38 -13.88
N GLY A 35 0.20 4.95 -14.72
CA GLY A 35 0.28 4.69 -16.15
C GLY A 35 -0.92 5.23 -16.90
N GLU A 36 -1.99 4.45 -16.94
CA GLU A 36 -3.21 4.86 -17.64
C GLU A 36 -4.00 5.86 -16.81
N SER A 37 -4.46 5.43 -15.65
CA SER A 37 -5.23 6.30 -14.76
C SER A 37 -6.50 6.78 -15.45
N GLY A 38 -7.07 5.93 -16.29
CA GLY A 38 -8.29 6.30 -17.01
C GLY A 38 -8.78 5.18 -17.90
N PRO A 39 -9.32 4.12 -17.28
CA PRO A 39 -9.85 2.96 -18.02
C PRO A 39 -10.78 3.38 -19.15
N SER A 40 -10.78 2.59 -20.23
CA SER A 40 -11.62 2.88 -21.38
C SER A 40 -12.89 2.03 -21.36
N SER A 41 -14.05 2.69 -21.38
CA SER A 41 -15.32 2.00 -21.36
C SER A 41 -15.45 1.15 -20.10
N GLY A 42 -14.91 1.64 -18.99
CA GLY A 42 -14.97 0.92 -17.74
C GLY A 42 -15.45 1.79 -16.59
ZN ZN B . 1.27 -2.14 -5.06
N GLY A 1 -6.34 -5.42 27.64
CA GLY A 1 -6.92 -4.37 26.82
C GLY A 1 -5.88 -3.54 26.11
N SER A 2 -5.73 -3.76 24.81
CA SER A 2 -4.76 -3.03 24.01
C SER A 2 -5.46 -2.03 23.09
N SER A 3 -5.16 -0.75 23.27
CA SER A 3 -5.75 0.30 22.46
C SER A 3 -4.78 1.46 22.26
N GLY A 4 -4.30 1.61 21.03
CA GLY A 4 -3.36 2.68 20.72
C GLY A 4 -3.27 2.96 19.24
N SER A 5 -3.70 4.16 18.84
CA SER A 5 -3.67 4.56 17.45
C SER A 5 -2.24 4.53 16.90
N SER A 6 -1.35 5.26 17.56
CA SER A 6 0.05 5.33 17.16
C SER A 6 0.75 4.00 17.39
N GLY A 7 1.97 3.88 16.86
CA GLY A 7 2.72 2.66 17.02
C GLY A 7 2.59 1.73 15.84
N GLU A 8 1.38 1.63 15.30
CA GLU A 8 1.12 0.77 14.14
C GLU A 8 1.42 1.49 12.84
N LYS A 9 1.43 0.76 11.74
CA LYS A 9 1.71 1.33 10.43
C LYS A 9 0.92 0.62 9.35
N PRO A 10 -0.41 0.79 9.37
CA PRO A 10 -1.31 0.17 8.39
C PRO A 10 -1.23 0.85 7.03
N TYR A 11 -0.17 0.53 6.28
CA TYR A 11 0.02 1.11 4.95
C TYR A 11 -0.19 0.06 3.86
N VAL A 12 -1.05 -0.92 4.14
CA VAL A 12 -1.34 -1.98 3.19
C VAL A 12 -1.80 -1.41 1.86
N CYS A 13 -1.19 -1.88 0.77
CA CYS A 13 -1.54 -1.43 -0.56
C CYS A 13 -2.77 -2.16 -1.09
N GLN A 14 -3.67 -1.40 -1.71
CA GLN A 14 -4.89 -1.97 -2.26
C GLN A 14 -4.81 -2.10 -3.78
N GLU A 15 -4.02 -1.23 -4.39
CA GLU A 15 -3.85 -1.25 -5.84
C GLU A 15 -3.48 -2.64 -6.33
N CYS A 16 -2.53 -3.27 -5.63
CA CYS A 16 -2.09 -4.61 -6.00
C CYS A 16 -2.45 -5.62 -4.91
N GLY A 17 -2.49 -5.16 -3.67
CA GLY A 17 -2.82 -6.03 -2.56
C GLY A 17 -1.59 -6.65 -1.92
N LYS A 18 -0.85 -5.85 -1.16
CA LYS A 18 0.35 -6.32 -0.49
C LYS A 18 0.53 -5.63 0.87
N ALA A 19 0.93 -6.40 1.87
CA ALA A 19 1.13 -5.86 3.21
C ALA A 19 2.62 -5.68 3.50
N PHE A 20 2.94 -4.69 4.31
CA PHE A 20 4.33 -4.41 4.67
C PHE A 20 4.51 -4.40 6.18
N THR A 21 5.73 -4.70 6.64
CA THR A 21 6.03 -4.73 8.06
C THR A 21 6.72 -3.44 8.49
N GLN A 22 7.48 -2.84 7.59
CA GLN A 22 8.20 -1.60 7.88
C GLN A 22 7.35 -0.39 7.52
N SER A 23 7.90 0.80 7.75
CA SER A 23 7.19 2.04 7.45
C SER A 23 7.80 2.73 6.24
N SER A 24 7.09 3.72 5.71
CA SER A 24 7.55 4.47 4.54
C SER A 24 7.80 3.52 3.36
N CYS A 25 7.07 2.41 3.34
CA CYS A 25 7.22 1.42 2.27
C CYS A 25 6.21 1.69 1.16
N LEU A 26 4.95 1.90 1.55
CA LEU A 26 3.89 2.16 0.58
C LEU A 26 4.23 3.36 -0.29
N SER A 27 5.01 4.29 0.26
CA SER A 27 5.40 5.49 -0.46
C SER A 27 6.16 5.14 -1.74
N ILE A 28 7.38 4.61 -1.57
CA ILE A 28 8.20 4.22 -2.70
C ILE A 28 7.51 3.16 -3.55
N HIS A 29 6.67 2.36 -2.92
CA HIS A 29 5.95 1.30 -3.61
C HIS A 29 4.89 1.89 -4.55
N ARG A 30 4.40 3.09 -4.20
CA ARG A 30 3.39 3.75 -5.00
C ARG A 30 4.03 4.50 -6.17
N ARG A 31 5.29 4.90 -6.00
CA ARG A 31 6.01 5.62 -7.04
C ARG A 31 5.94 4.87 -8.36
N VAL A 32 5.96 3.54 -8.29
CA VAL A 32 5.90 2.71 -9.48
C VAL A 32 4.46 2.50 -9.94
N HIS A 33 3.53 2.58 -9.00
CA HIS A 33 2.12 2.41 -9.31
C HIS A 33 1.59 3.59 -10.11
N THR A 34 1.68 3.49 -11.44
CA THR A 34 1.22 4.55 -12.32
C THR A 34 -0.27 4.83 -12.11
N GLY A 35 -0.61 6.11 -12.01
CA GLY A 35 -2.00 6.49 -11.81
C GLY A 35 -2.78 6.54 -13.10
N GLU A 36 -2.07 6.63 -14.21
CA GLU A 36 -2.72 6.69 -15.53
C GLU A 36 -3.36 5.35 -15.87
N SER A 37 -4.61 5.18 -15.45
CA SER A 37 -5.34 3.95 -15.71
C SER A 37 -6.85 4.18 -15.61
N GLY A 38 -7.59 3.56 -16.52
CA GLY A 38 -9.04 3.71 -16.53
C GLY A 38 -9.68 3.20 -15.25
N PRO A 39 -11.02 3.17 -15.23
CA PRO A 39 -11.78 2.71 -14.07
C PRO A 39 -11.70 1.19 -13.89
N SER A 40 -10.63 0.72 -13.28
CA SER A 40 -10.43 -0.71 -13.05
C SER A 40 -11.30 -1.20 -11.91
N SER A 41 -12.57 -1.47 -12.21
CA SER A 41 -13.51 -1.94 -11.21
C SER A 41 -13.64 -0.93 -10.06
N GLY A 42 -13.97 0.31 -10.41
CA GLY A 42 -14.11 1.35 -9.40
C GLY A 42 -12.78 1.80 -8.85
ZN ZN B . 0.82 -1.89 -4.57
N GLY A 1 -16.67 2.60 22.69
CA GLY A 1 -16.08 1.68 21.74
C GLY A 1 -15.01 2.33 20.88
N SER A 2 -14.10 3.06 21.53
CA SER A 2 -13.03 3.74 20.82
C SER A 2 -11.92 2.76 20.45
N SER A 3 -10.97 3.23 19.65
CA SER A 3 -9.85 2.41 19.21
C SER A 3 -8.76 2.37 20.28
N GLY A 4 -8.68 1.25 21.00
CA GLY A 4 -7.68 1.11 22.04
C GLY A 4 -6.28 1.02 21.48
N SER A 5 -5.42 0.25 22.15
CA SER A 5 -4.04 0.08 21.71
C SER A 5 -3.94 -0.94 20.59
N SER A 6 -3.76 -0.45 19.36
CA SER A 6 -3.65 -1.31 18.20
C SER A 6 -2.99 -0.58 17.03
N GLY A 7 -2.28 -1.33 16.20
CA GLY A 7 -1.61 -0.72 15.06
C GLY A 7 -0.54 -1.63 14.48
N GLU A 8 -0.97 -2.68 13.77
CA GLU A 8 -0.03 -3.61 13.17
C GLU A 8 0.00 -3.45 11.66
N LYS A 9 -1.17 -3.24 11.06
CA LYS A 9 -1.27 -3.06 9.61
C LYS A 9 -2.08 -1.81 9.28
N PRO A 10 -1.49 -0.64 9.55
CA PRO A 10 -2.13 0.65 9.29
C PRO A 10 -2.16 0.99 7.80
N TYR A 11 -1.03 0.78 7.13
CA TYR A 11 -0.92 1.07 5.71
C TYR A 11 -0.86 -0.22 4.90
N VAL A 12 -1.71 -0.31 3.87
CA VAL A 12 -1.74 -1.50 3.01
C VAL A 12 -2.04 -1.12 1.57
N CYS A 13 -1.34 -1.76 0.64
CA CYS A 13 -1.53 -1.50 -0.79
C CYS A 13 -2.70 -2.30 -1.34
N GLN A 14 -3.80 -1.62 -1.64
CA GLN A 14 -4.98 -2.27 -2.18
C GLN A 14 -4.90 -2.39 -3.70
N GLU A 15 -4.13 -1.49 -4.32
CA GLU A 15 -3.97 -1.49 -5.76
C GLU A 15 -3.55 -2.86 -6.27
N CYS A 16 -2.54 -3.44 -5.61
CA CYS A 16 -2.04 -4.76 -5.99
C CYS A 16 -2.37 -5.79 -4.91
N GLY A 17 -2.47 -5.33 -3.66
CA GLY A 17 -2.78 -6.22 -2.57
C GLY A 17 -1.53 -6.66 -1.81
N LYS A 18 -0.74 -5.70 -1.37
CA LYS A 18 0.48 -5.98 -0.63
C LYS A 18 0.64 -5.04 0.56
N ALA A 19 0.95 -5.61 1.72
CA ALA A 19 1.13 -4.81 2.94
C ALA A 19 2.52 -5.03 3.53
N PHE A 20 3.08 -3.96 4.09
CA PHE A 20 4.41 -4.03 4.68
C PHE A 20 4.35 -3.67 6.16
N THR A 21 5.03 -4.46 6.99
CA THR A 21 5.06 -4.23 8.43
C THR A 21 6.46 -3.90 8.91
N GLN A 22 7.46 -4.37 8.16
CA GLN A 22 8.86 -4.13 8.50
C GLN A 22 9.21 -2.66 8.35
N SER A 23 9.05 -2.14 7.14
CA SER A 23 9.35 -0.74 6.86
C SER A 23 8.27 -0.10 6.00
N SER A 24 8.37 1.20 5.79
CA SER A 24 7.40 1.94 4.98
C SER A 24 7.72 1.82 3.49
N CYS A 25 7.63 0.60 2.97
CA CYS A 25 7.90 0.35 1.56
C CYS A 25 6.76 0.85 0.68
N LEU A 26 5.57 0.90 1.24
CA LEU A 26 4.40 1.36 0.51
C LEU A 26 4.65 2.72 -0.13
N SER A 27 5.50 3.52 0.52
CA SER A 27 5.82 4.85 0.01
C SER A 27 6.34 4.76 -1.43
N ILE A 28 7.55 4.25 -1.59
CA ILE A 28 8.15 4.12 -2.91
C ILE A 28 7.37 3.15 -3.78
N HIS A 29 6.86 2.09 -3.16
CA HIS A 29 6.09 1.08 -3.88
C HIS A 29 4.91 1.72 -4.60
N ARG A 30 4.45 2.86 -4.08
CA ARG A 30 3.31 3.56 -4.68
C ARG A 30 3.79 4.47 -5.81
N ARG A 31 5.03 4.93 -5.71
CA ARG A 31 5.60 5.82 -6.73
C ARG A 31 5.63 5.13 -8.09
N VAL A 32 5.83 3.82 -8.09
CA VAL A 32 5.87 3.05 -9.32
C VAL A 32 4.47 2.73 -9.83
N HIS A 33 3.51 2.70 -8.91
CA HIS A 33 2.12 2.41 -9.27
C HIS A 33 1.53 3.56 -10.09
N THR A 34 1.56 4.76 -9.54
CA THR A 34 1.03 5.94 -10.22
C THR A 34 1.77 6.20 -11.52
N GLY A 35 1.05 6.67 -12.53
CA GLY A 35 1.65 6.96 -13.81
C GLY A 35 0.69 6.77 -14.96
N GLU A 36 1.19 6.21 -16.07
CA GLU A 36 0.37 5.98 -17.25
C GLU A 36 0.44 4.53 -17.69
N SER A 37 1.64 4.09 -18.08
CA SER A 37 1.85 2.73 -18.54
C SER A 37 0.92 2.38 -19.69
N GLY A 38 0.54 3.40 -20.46
CA GLY A 38 -0.35 3.19 -21.58
C GLY A 38 0.39 2.72 -22.82
N PRO A 39 -0.37 2.46 -23.91
CA PRO A 39 0.20 2.00 -25.18
C PRO A 39 1.38 2.85 -25.62
N SER A 40 2.54 2.22 -25.77
CA SER A 40 3.75 2.93 -26.19
C SER A 40 3.93 2.83 -27.70
N SER A 41 3.15 3.62 -28.44
CA SER A 41 3.23 3.61 -29.90
C SER A 41 2.81 4.98 -30.47
N GLY A 42 3.04 5.16 -31.76
CA GLY A 42 2.69 6.41 -32.41
C GLY A 42 2.96 6.39 -33.89
ZN ZN B . 1.07 -2.12 -4.66
N GLY A 1 -24.14 -5.48 18.55
CA GLY A 1 -22.71 -5.70 18.43
C GLY A 1 -21.91 -4.81 19.36
N SER A 2 -20.58 -4.86 19.22
CA SER A 2 -19.70 -4.06 20.05
C SER A 2 -18.35 -3.85 19.37
N SER A 3 -17.80 -2.65 19.52
CA SER A 3 -16.52 -2.31 18.91
C SER A 3 -15.39 -2.45 19.92
N GLY A 4 -14.34 -3.17 19.55
CA GLY A 4 -13.20 -3.36 20.42
C GLY A 4 -12.29 -4.48 19.96
N SER A 5 -11.30 -4.14 19.14
CA SER A 5 -10.36 -5.12 18.63
C SER A 5 -9.18 -4.44 17.94
N SER A 6 -8.22 -5.24 17.49
CA SER A 6 -7.03 -4.72 16.82
C SER A 6 -7.11 -4.98 15.31
N GLY A 7 -6.10 -4.49 14.58
CA GLY A 7 -6.07 -4.69 13.15
C GLY A 7 -4.68 -5.03 12.65
N GLU A 8 -3.68 -4.33 13.17
CA GLU A 8 -2.29 -4.57 12.77
C GLU A 8 -2.13 -4.37 11.26
N LYS A 9 -2.87 -3.41 10.72
CA LYS A 9 -2.80 -3.11 9.29
C LYS A 9 -2.97 -1.63 9.03
N PRO A 10 -1.97 -0.83 9.45
CA PRO A 10 -1.98 0.62 9.27
C PRO A 10 -1.72 1.04 7.83
N TYR A 11 -0.76 0.38 7.20
CA TYR A 11 -0.40 0.67 5.82
C TYR A 11 -0.41 -0.59 4.96
N VAL A 12 -1.33 -0.65 4.01
CA VAL A 12 -1.45 -1.80 3.13
C VAL A 12 -1.85 -1.37 1.72
N CYS A 13 -0.97 -1.60 0.75
CA CYS A 13 -1.23 -1.23 -0.63
C CYS A 13 -2.55 -1.83 -1.10
N GLN A 14 -3.27 -1.08 -1.93
CA GLN A 14 -4.55 -1.53 -2.46
C GLN A 14 -4.50 -1.68 -3.97
N GLU A 15 -3.62 -0.92 -4.60
CA GLU A 15 -3.47 -0.96 -6.05
C GLU A 15 -3.23 -2.40 -6.53
N CYS A 16 -2.28 -3.07 -5.89
CA CYS A 16 -1.96 -4.45 -6.25
C CYS A 16 -2.28 -5.40 -5.10
N GLY A 17 -2.24 -4.87 -3.88
CA GLY A 17 -2.53 -5.69 -2.71
C GLY A 17 -1.27 -6.23 -2.07
N LYS A 18 -0.60 -5.42 -1.26
CA LYS A 18 0.62 -5.84 -0.60
C LYS A 18 0.72 -5.20 0.80
N ALA A 19 1.22 -5.96 1.76
CA ALA A 19 1.38 -5.46 3.12
C ALA A 19 2.85 -5.43 3.53
N PHE A 20 3.13 -4.75 4.64
CA PHE A 20 4.51 -4.64 5.13
C PHE A 20 4.53 -4.70 6.66
N THR A 21 5.69 -5.09 7.20
CA THR A 21 5.85 -5.20 8.65
C THR A 21 6.04 -3.82 9.28
N GLN A 22 4.99 -3.03 9.29
CA GLN A 22 5.04 -1.69 9.87
C GLN A 22 6.21 -0.89 9.28
N SER A 23 6.42 -1.04 7.98
CA SER A 23 7.50 -0.34 7.30
C SER A 23 6.97 0.84 6.50
N SER A 24 7.86 1.53 5.81
CA SER A 24 7.49 2.69 5.00
C SER A 24 7.77 2.44 3.53
N CYS A 25 7.59 1.19 3.09
CA CYS A 25 7.82 0.82 1.70
C CYS A 25 6.63 1.19 0.83
N LEU A 26 5.44 1.22 1.44
CA LEU A 26 4.23 1.54 0.73
C LEU A 26 4.36 2.88 0.00
N SER A 27 5.14 3.79 0.58
CA SER A 27 5.35 5.10 -0.01
C SER A 27 5.89 4.98 -1.44
N ILE A 28 7.14 4.53 -1.55
CA ILE A 28 7.77 4.35 -2.85
C ILE A 28 7.08 3.27 -3.67
N HIS A 29 6.53 2.28 -2.97
CA HIS A 29 5.83 1.18 -3.64
C HIS A 29 4.67 1.70 -4.48
N ARG A 30 4.05 2.79 -4.02
CA ARG A 30 2.93 3.38 -4.74
C ARG A 30 3.41 4.19 -5.93
N ARG A 31 4.65 4.70 -5.83
CA ARG A 31 5.23 5.50 -6.90
C ARG A 31 5.38 4.67 -8.18
N VAL A 32 5.55 3.37 -8.02
CA VAL A 32 5.71 2.47 -9.15
C VAL A 32 4.39 1.78 -9.50
N HIS A 33 3.30 2.53 -9.38
CA HIS A 33 1.98 1.98 -9.67
C HIS A 33 1.22 2.90 -10.64
N THR A 34 1.19 2.52 -11.91
CA THR A 34 0.50 3.30 -12.93
C THR A 34 -0.93 3.60 -12.52
N GLY A 35 -1.52 2.69 -11.74
CA GLY A 35 -2.88 2.88 -11.29
C GLY A 35 -3.08 4.18 -10.54
N GLU A 36 -4.27 4.77 -10.67
CA GLU A 36 -4.57 6.03 -10.01
C GLU A 36 -5.94 5.97 -9.33
N SER A 37 -6.27 7.02 -8.58
CA SER A 37 -7.55 7.08 -7.88
C SER A 37 -8.52 8.01 -8.60
N GLY A 38 -8.00 9.10 -9.14
CA GLY A 38 -8.84 10.05 -9.84
C GLY A 38 -9.66 10.91 -8.90
N PRO A 39 -10.37 11.91 -9.47
CA PRO A 39 -11.21 12.82 -8.70
C PRO A 39 -12.14 12.07 -7.74
N SER A 40 -12.83 11.08 -8.26
CA SER A 40 -13.77 10.30 -7.45
C SER A 40 -13.09 9.05 -6.89
N SER A 41 -12.69 9.13 -5.63
CA SER A 41 -12.02 8.01 -4.97
C SER A 41 -13.04 6.97 -4.49
N GLY A 42 -12.54 5.78 -4.18
CA GLY A 42 -13.41 4.72 -3.70
C GLY A 42 -13.28 4.46 -2.22
ZN ZN B . 1.21 -2.27 -4.74
N GLY A 1 -3.01 -17.81 21.12
CA GLY A 1 -3.59 -16.59 20.60
C GLY A 1 -4.50 -15.91 21.60
N SER A 2 -4.44 -14.58 21.67
CA SER A 2 -5.25 -13.82 22.60
C SER A 2 -5.99 -12.69 21.88
N SER A 3 -6.80 -11.96 22.62
CA SER A 3 -7.57 -10.84 22.06
C SER A 3 -7.29 -9.56 22.82
N GLY A 4 -6.56 -8.65 22.19
CA GLY A 4 -6.24 -7.38 22.82
C GLY A 4 -5.18 -6.60 22.07
N SER A 5 -4.15 -7.30 21.61
CA SER A 5 -3.06 -6.67 20.87
C SER A 5 -2.88 -7.32 19.50
N SER A 6 -3.85 -7.09 18.62
CA SER A 6 -3.80 -7.66 17.28
C SER A 6 -2.69 -7.00 16.46
N GLY A 7 -2.33 -7.66 15.36
CA GLY A 7 -1.28 -7.12 14.50
C GLY A 7 -1.61 -5.75 13.96
N GLU A 8 -0.64 -4.85 13.98
CA GLU A 8 -0.84 -3.50 13.49
C GLU A 8 -0.01 -3.24 12.23
N LYS A 9 -0.56 -3.60 11.08
CA LYS A 9 0.12 -3.42 9.80
C LYS A 9 -0.77 -2.66 8.82
N PRO A 10 -1.02 -1.38 9.11
CA PRO A 10 -1.86 -0.54 8.25
C PRO A 10 -1.14 -0.11 6.97
N TYR A 11 -1.79 0.73 6.19
CA TYR A 11 -1.21 1.21 4.94
C TYR A 11 -0.99 0.05 3.96
N VAL A 12 -1.88 -0.92 4.01
CA VAL A 12 -1.79 -2.09 3.13
C VAL A 12 -2.17 -1.73 1.70
N CYS A 13 -1.21 -1.84 0.79
CA CYS A 13 -1.44 -1.54 -0.61
C CYS A 13 -2.60 -2.36 -1.17
N GLN A 14 -3.74 -1.70 -1.38
CA GLN A 14 -4.92 -2.38 -1.90
C GLN A 14 -4.92 -2.35 -3.43
N GLU A 15 -4.26 -1.36 -4.00
CA GLU A 15 -4.18 -1.22 -5.45
C GLU A 15 -3.71 -2.53 -6.09
N CYS A 16 -2.66 -3.11 -5.53
CA CYS A 16 -2.11 -4.37 -6.05
C CYS A 16 -2.34 -5.50 -5.07
N GLY A 17 -2.40 -5.16 -3.78
CA GLY A 17 -2.61 -6.18 -2.76
C GLY A 17 -1.31 -6.67 -2.17
N LYS A 18 -0.72 -5.88 -1.27
CA LYS A 18 0.53 -6.25 -0.63
C LYS A 18 0.76 -5.42 0.63
N ALA A 19 0.74 -6.08 1.78
CA ALA A 19 0.95 -5.40 3.06
C ALA A 19 2.43 -5.14 3.31
N PHE A 20 2.73 -4.34 4.32
CA PHE A 20 4.11 -4.01 4.66
C PHE A 20 4.28 -3.89 6.17
N THR A 21 5.53 -3.75 6.60
CA THR A 21 5.84 -3.63 8.02
C THR A 21 5.94 -2.16 8.45
N GLN A 22 6.63 -1.36 7.63
CA GLN A 22 6.79 0.06 7.93
C GLN A 22 5.89 0.91 7.03
N SER A 23 5.76 2.18 7.37
CA SER A 23 4.91 3.09 6.62
C SER A 23 5.75 3.89 5.62
N SER A 24 6.87 3.32 5.20
CA SER A 24 7.76 4.00 4.26
C SER A 24 7.83 3.22 2.94
N CYS A 25 7.61 1.91 3.02
CA CYS A 25 7.65 1.06 1.84
C CYS A 25 6.54 1.44 0.85
N LEU A 26 5.34 1.62 1.37
CA LEU A 26 4.20 1.98 0.54
C LEU A 26 4.49 3.24 -0.25
N SER A 27 5.36 4.10 0.28
CA SER A 27 5.73 5.34 -0.38
C SER A 27 6.38 5.07 -1.73
N ILE A 28 7.58 4.52 -1.71
CA ILE A 28 8.30 4.20 -2.93
C ILE A 28 7.59 3.11 -3.73
N HIS A 29 6.84 2.27 -3.03
CA HIS A 29 6.11 1.18 -3.67
C HIS A 29 4.97 1.73 -4.52
N ARG A 30 4.48 2.90 -4.16
CA ARG A 30 3.39 3.53 -4.89
C ARG A 30 3.92 4.40 -6.02
N ARG A 31 5.13 4.92 -5.85
CA ARG A 31 5.75 5.76 -6.86
C ARG A 31 5.83 5.06 -8.21
N VAL A 32 5.91 3.74 -8.17
CA VAL A 32 5.99 2.93 -9.38
C VAL A 32 4.59 2.60 -9.91
N HIS A 33 3.62 2.57 -9.00
CA HIS A 33 2.24 2.27 -9.37
C HIS A 33 1.69 3.32 -10.33
N THR A 34 1.55 4.55 -9.83
CA THR A 34 1.03 5.63 -10.64
C THR A 34 1.89 5.87 -11.88
N GLY A 35 1.29 6.43 -12.92
CA GLY A 35 2.02 6.69 -14.15
C GLY A 35 1.66 5.72 -15.25
N GLU A 36 2.28 4.54 -15.22
CA GLU A 36 2.02 3.52 -16.23
C GLU A 36 1.23 2.36 -15.64
N SER A 37 0.22 1.91 -16.37
CA SER A 37 -0.62 0.80 -15.92
C SER A 37 -1.30 1.15 -14.59
N GLY A 38 -1.52 2.44 -14.36
CA GLY A 38 -2.16 2.87 -13.13
C GLY A 38 -3.16 3.98 -13.37
N PRO A 39 -3.85 4.40 -12.30
CA PRO A 39 -4.86 5.46 -12.36
C PRO A 39 -4.36 6.70 -13.10
N SER A 40 -5.12 7.15 -14.10
CA SER A 40 -4.74 8.31 -14.88
C SER A 40 -4.88 9.59 -14.06
N SER A 41 -5.94 9.65 -13.25
CA SER A 41 -6.19 10.82 -12.41
C SER A 41 -5.35 10.76 -11.13
N GLY A 42 -5.05 9.55 -10.69
CA GLY A 42 -4.26 9.38 -9.48
C GLY A 42 -5.04 9.70 -8.22
ZN ZN B . 1.16 -1.87 -4.56
N GLY A 1 -2.17 -14.32 14.89
CA GLY A 1 -1.50 -13.66 16.00
C GLY A 1 -2.46 -12.78 16.80
N SER A 2 -1.91 -11.76 17.45
CA SER A 2 -2.71 -10.85 18.25
C SER A 2 -2.76 -9.46 17.63
N SER A 3 -1.64 -9.04 17.05
CA SER A 3 -1.56 -7.72 16.42
C SER A 3 -1.81 -6.61 17.42
N GLY A 4 -1.08 -6.65 18.53
CA GLY A 4 -1.24 -5.63 19.56
C GLY A 4 -0.04 -4.71 19.66
N SER A 5 -0.08 -3.61 18.90
CA SER A 5 1.02 -2.65 18.91
C SER A 5 0.61 -1.37 19.62
N SER A 6 1.59 -0.69 20.22
CA SER A 6 1.33 0.55 20.92
C SER A 6 0.72 1.60 20.00
N GLY A 7 1.36 1.81 18.85
CA GLY A 7 0.87 2.79 17.89
C GLY A 7 0.13 2.14 16.74
N GLU A 8 -0.23 2.94 15.75
CA GLU A 8 -0.96 2.44 14.59
C GLU A 8 -0.21 2.79 13.29
N LYS A 9 -0.28 1.89 12.32
CA LYS A 9 0.39 2.09 11.04
C LYS A 9 -0.39 1.44 9.91
N PRO A 10 -1.59 1.98 9.61
CA PRO A 10 -2.45 1.46 8.55
C PRO A 10 -1.93 1.81 7.16
N TYR A 11 -0.88 1.12 6.73
CA TYR A 11 -0.29 1.36 5.42
C TYR A 11 -0.25 0.08 4.60
N VAL A 12 -1.33 -0.19 3.88
CA VAL A 12 -1.42 -1.38 3.04
C VAL A 12 -1.82 -1.03 1.61
N CYS A 13 -1.07 -1.56 0.65
CA CYS A 13 -1.36 -1.30 -0.76
C CYS A 13 -2.55 -2.11 -1.24
N GLN A 14 -3.63 -1.42 -1.57
CA GLN A 14 -4.85 -2.08 -2.04
C GLN A 14 -4.82 -2.25 -3.56
N GLU A 15 -4.08 -1.38 -4.24
CA GLU A 15 -3.97 -1.44 -5.69
C GLU A 15 -3.56 -2.84 -6.15
N CYS A 16 -2.51 -3.36 -5.54
CA CYS A 16 -2.01 -4.70 -5.88
C CYS A 16 -2.34 -5.69 -4.77
N GLY A 17 -2.46 -5.19 -3.55
CA GLY A 17 -2.76 -6.06 -2.42
C GLY A 17 -1.53 -6.43 -1.62
N LYS A 18 -0.53 -5.56 -1.64
CA LYS A 18 0.71 -5.80 -0.91
C LYS A 18 0.65 -5.20 0.48
N ALA A 19 1.05 -5.97 1.49
CA ALA A 19 1.05 -5.51 2.86
C ALA A 19 2.43 -5.64 3.49
N PHE A 20 2.76 -4.72 4.39
CA PHE A 20 4.05 -4.72 5.06
C PHE A 20 3.87 -4.90 6.56
N THR A 21 5.00 -4.97 7.28
CA THR A 21 4.97 -5.14 8.72
C THR A 21 5.55 -3.92 9.43
N GLN A 22 6.85 -3.70 9.27
CA GLN A 22 7.52 -2.57 9.89
C GLN A 22 8.39 -1.83 8.89
N SER A 23 7.75 -1.06 8.01
CA SER A 23 8.47 -0.30 6.99
C SER A 23 7.52 0.62 6.23
N SER A 24 8.10 1.56 5.49
CA SER A 24 7.30 2.52 4.72
C SER A 24 7.50 2.30 3.22
N CYS A 25 7.76 1.06 2.83
CA CYS A 25 7.97 0.72 1.44
C CYS A 25 6.79 1.15 0.58
N LEU A 26 5.62 1.22 1.20
CA LEU A 26 4.40 1.62 0.50
C LEU A 26 4.60 2.95 -0.23
N SER A 27 5.40 3.83 0.37
CA SER A 27 5.68 5.14 -0.21
C SER A 27 6.18 5.00 -1.65
N ILE A 28 7.43 4.55 -1.79
CA ILE A 28 8.03 4.37 -3.10
C ILE A 28 7.27 3.32 -3.91
N HIS A 29 6.71 2.34 -3.23
CA HIS A 29 5.95 1.28 -3.88
C HIS A 29 4.70 1.84 -4.56
N ARG A 30 4.20 2.96 -4.04
CA ARG A 30 3.01 3.59 -4.60
C ARG A 30 3.38 4.50 -5.77
N ARG A 31 4.61 4.99 -5.77
CA ARG A 31 5.09 5.86 -6.83
C ARG A 31 5.38 5.08 -8.10
N VAL A 32 5.88 3.86 -7.93
CA VAL A 32 6.21 3.00 -9.06
C VAL A 32 4.93 2.51 -9.77
N HIS A 33 3.83 2.46 -9.01
CA HIS A 33 2.56 2.03 -9.57
C HIS A 33 2.05 3.01 -10.61
N THR A 34 2.42 2.80 -11.86
CA THR A 34 2.00 3.67 -12.94
C THR A 34 1.99 2.91 -14.27
N GLY A 35 0.78 2.69 -14.82
CA GLY A 35 0.66 2.00 -16.08
C GLY A 35 0.33 2.93 -17.23
N GLU A 36 -0.59 3.86 -16.99
CA GLU A 36 -1.00 4.81 -18.01
C GLU A 36 0.04 5.92 -18.17
N SER A 37 0.36 6.26 -19.41
CA SER A 37 1.34 7.29 -19.69
C SER A 37 0.65 8.62 -20.03
N GLY A 38 1.09 9.69 -19.39
CA GLY A 38 0.51 10.99 -19.63
C GLY A 38 1.56 12.08 -19.78
N PRO A 39 2.29 12.04 -20.90
CA PRO A 39 3.34 13.03 -21.19
C PRO A 39 2.86 14.45 -20.99
N SER A 40 1.61 14.72 -21.34
CA SER A 40 1.04 16.05 -21.21
C SER A 40 0.32 16.19 -19.87
N SER A 41 0.98 15.76 -18.80
CA SER A 41 0.41 15.85 -17.46
C SER A 41 0.48 17.28 -16.93
N GLY A 42 1.63 17.91 -17.11
CA GLY A 42 1.81 19.28 -16.64
C GLY A 42 3.25 19.59 -16.32
ZN ZN B . 1.19 -2.01 -4.60
N GLY A 1 1.24 -14.47 24.16
CA GLY A 1 1.75 -13.51 23.19
C GLY A 1 2.10 -12.17 23.83
N SER A 2 3.38 -11.98 24.11
CA SER A 2 3.85 -10.75 24.74
C SER A 2 3.84 -9.60 23.74
N SER A 3 2.74 -8.86 23.70
CA SER A 3 2.60 -7.74 22.79
C SER A 3 2.49 -6.42 23.55
N GLY A 4 2.82 -5.32 22.88
CA GLY A 4 2.75 -4.01 23.51
C GLY A 4 3.44 -2.94 22.70
N SER A 5 2.85 -2.56 21.58
CA SER A 5 3.42 -1.54 20.71
C SER A 5 2.71 -0.20 20.89
N SER A 6 3.44 0.89 20.71
CA SER A 6 2.88 2.23 20.85
C SER A 6 1.76 2.45 19.84
N GLY A 7 1.85 1.79 18.69
CA GLY A 7 0.84 1.93 17.66
C GLY A 7 1.16 1.12 16.42
N GLU A 8 0.15 0.48 15.85
CA GLU A 8 0.33 -0.33 14.66
C GLU A 8 0.45 0.55 13.42
N LYS A 9 0.94 -0.03 12.32
CA LYS A 9 1.10 0.71 11.08
C LYS A 9 0.41 -0.02 9.93
N PRO A 10 -0.93 -0.06 9.96
CA PRO A 10 -1.73 -0.72 8.93
C PRO A 10 -1.79 0.09 7.64
N TYR A 11 -0.87 -0.20 6.72
CA TYR A 11 -0.82 0.50 5.45
C TYR A 11 -0.74 -0.48 4.29
N VAL A 12 -1.54 -1.54 4.36
CA VAL A 12 -1.55 -2.56 3.32
C VAL A 12 -1.98 -1.98 1.98
N CYS A 13 -1.05 -1.93 1.04
CA CYS A 13 -1.33 -1.39 -0.28
C CYS A 13 -2.56 -2.04 -0.90
N GLN A 14 -3.38 -1.24 -1.56
CA GLN A 14 -4.60 -1.74 -2.19
C GLN A 14 -4.44 -1.84 -3.71
N GLU A 15 -3.56 -1.00 -4.25
CA GLU A 15 -3.31 -1.00 -5.69
C GLU A 15 -2.98 -2.39 -6.19
N CYS A 16 -2.22 -3.14 -5.39
CA CYS A 16 -1.82 -4.49 -5.76
C CYS A 16 -2.38 -5.51 -4.76
N GLY A 17 -2.53 -5.08 -3.51
CA GLY A 17 -3.05 -5.95 -2.49
C GLY A 17 -1.95 -6.72 -1.76
N LYS A 18 -0.91 -6.00 -1.36
CA LYS A 18 0.21 -6.61 -0.66
C LYS A 18 0.43 -5.94 0.70
N ALA A 19 0.62 -6.75 1.74
CA ALA A 19 0.85 -6.24 3.08
C ALA A 19 2.26 -5.67 3.22
N PHE A 20 2.51 -5.02 4.35
CA PHE A 20 3.82 -4.44 4.60
C PHE A 20 4.07 -4.30 6.10
N THR A 21 5.32 -4.02 6.47
CA THR A 21 5.70 -3.86 7.87
C THR A 21 5.94 -2.41 8.22
N GLN A 22 6.34 -1.62 7.22
CA GLN A 22 6.61 -0.20 7.43
C GLN A 22 5.53 0.66 6.76
N SER A 23 5.66 1.97 6.91
CA SER A 23 4.70 2.91 6.34
C SER A 23 5.33 3.70 5.21
N SER A 24 6.63 3.95 5.32
CA SER A 24 7.36 4.71 4.30
C SER A 24 7.58 3.87 3.05
N CYS A 25 7.70 2.56 3.23
CA CYS A 25 7.92 1.65 2.12
C CYS A 25 6.80 1.76 1.09
N LEU A 26 5.59 2.04 1.58
CA LEU A 26 4.43 2.18 0.71
C LEU A 26 4.56 3.41 -0.18
N SER A 27 5.21 4.45 0.34
CA SER A 27 5.41 5.69 -0.41
C SER A 27 6.03 5.41 -1.78
N ILE A 28 7.30 5.01 -1.78
CA ILE A 28 8.00 4.71 -3.02
C ILE A 28 7.33 3.57 -3.77
N HIS A 29 6.69 2.68 -3.04
CA HIS A 29 5.99 1.54 -3.64
C HIS A 29 4.87 2.02 -4.54
N ARG A 30 4.33 3.20 -4.24
CA ARG A 30 3.24 3.76 -5.03
C ARG A 30 3.77 4.49 -6.25
N ARG A 31 5.01 4.98 -6.15
CA ARG A 31 5.63 5.70 -7.25
C ARG A 31 5.71 4.83 -8.50
N VAL A 32 5.94 3.54 -8.30
CA VAL A 32 6.03 2.60 -9.42
C VAL A 32 4.65 2.23 -9.95
N HIS A 33 3.65 2.33 -9.07
CA HIS A 33 2.28 2.01 -9.46
C HIS A 33 1.74 3.03 -10.46
N THR A 34 1.97 2.76 -11.75
CA THR A 34 1.50 3.64 -12.80
C THR A 34 0.48 2.95 -13.69
N GLY A 35 -0.40 3.74 -14.30
CA GLY A 35 -1.42 3.18 -15.17
C GLY A 35 -1.14 3.44 -16.64
N GLU A 36 -2.11 3.15 -17.49
CA GLU A 36 -1.95 3.34 -18.92
C GLU A 36 -2.61 4.65 -19.37
N SER A 37 -2.09 5.23 -20.45
CA SER A 37 -2.62 6.48 -20.98
C SER A 37 -2.00 6.80 -22.33
N GLY A 38 -2.82 7.34 -23.23
CA GLY A 38 -2.33 7.69 -24.56
C GLY A 38 -1.84 9.12 -24.64
N PRO A 39 -1.25 9.48 -25.79
CA PRO A 39 -0.72 10.83 -26.02
C PRO A 39 -1.74 11.91 -25.67
N SER A 40 -1.24 13.08 -25.27
CA SER A 40 -2.10 14.20 -24.90
C SER A 40 -2.86 14.71 -26.12
N SER A 41 -3.88 15.54 -25.87
CA SER A 41 -4.69 16.10 -26.93
C SER A 41 -4.67 17.63 -26.90
N GLY A 42 -3.51 18.19 -26.53
CA GLY A 42 -3.38 19.63 -26.45
C GLY A 42 -3.28 20.28 -27.83
ZN ZN B . 0.98 -1.84 -4.26
N GLY A 1 -6.95 -17.61 21.42
CA GLY A 1 -6.06 -17.20 20.35
C GLY A 1 -6.21 -15.74 20.00
N SER A 2 -5.25 -14.93 20.42
CA SER A 2 -5.28 -13.50 20.15
C SER A 2 -4.23 -13.11 19.11
N SER A 3 -4.68 -12.90 17.88
CA SER A 3 -3.78 -12.54 16.79
C SER A 3 -3.69 -11.02 16.64
N GLY A 4 -2.49 -10.50 16.50
CA GLY A 4 -2.28 -9.07 16.35
C GLY A 4 -0.96 -8.73 15.70
N SER A 5 -0.96 -8.58 14.39
CA SER A 5 0.27 -8.26 13.66
C SER A 5 0.22 -6.82 13.13
N SER A 6 -0.97 -6.40 12.69
CA SER A 6 -1.15 -5.06 12.15
C SER A 6 -1.33 -4.04 13.28
N GLY A 7 -0.25 -3.37 13.64
CA GLY A 7 -0.31 -2.38 14.70
C GLY A 7 -0.25 -0.96 14.17
N GLU A 8 0.84 -0.26 14.51
CA GLU A 8 1.02 1.12 14.07
C GLU A 8 1.50 1.16 12.62
N LYS A 9 1.58 2.37 12.07
CA LYS A 9 2.02 2.55 10.69
C LYS A 9 1.17 1.75 9.73
N PRO A 10 -0.09 2.18 9.54
CA PRO A 10 -1.04 1.51 8.64
C PRO A 10 -0.71 1.76 7.17
N TYR A 11 0.22 0.98 6.63
CA TYR A 11 0.62 1.13 5.24
C TYR A 11 0.34 -0.15 4.45
N VAL A 12 -0.68 -0.10 3.59
CA VAL A 12 -1.05 -1.25 2.78
C VAL A 12 -1.38 -0.82 1.36
N CYS A 13 -0.91 -1.62 0.39
CA CYS A 13 -1.15 -1.33 -1.02
C CYS A 13 -2.39 -2.08 -1.52
N GLN A 14 -3.50 -1.36 -1.65
CA GLN A 14 -4.74 -1.95 -2.12
C GLN A 14 -4.69 -2.22 -3.63
N GLU A 15 -3.85 -1.46 -4.33
CA GLU A 15 -3.70 -1.62 -5.77
C GLU A 15 -3.42 -3.07 -6.13
N CYS A 16 -2.26 -3.57 -5.72
CA CYS A 16 -1.86 -4.94 -6.01
C CYS A 16 -2.24 -5.86 -4.85
N GLY A 17 -2.25 -5.31 -3.63
CA GLY A 17 -2.59 -6.09 -2.47
C GLY A 17 -1.38 -6.48 -1.65
N LYS A 18 -0.41 -5.57 -1.58
CA LYS A 18 0.82 -5.83 -0.82
C LYS A 18 0.83 -5.02 0.48
N ALA A 19 0.76 -5.73 1.61
CA ALA A 19 0.76 -5.08 2.91
C ALA A 19 2.05 -5.37 3.66
N PHE A 20 2.43 -4.47 4.57
CA PHE A 20 3.64 -4.64 5.35
C PHE A 20 3.34 -4.56 6.84
N THR A 21 4.35 -4.87 7.66
CA THR A 21 4.19 -4.83 9.11
C THR A 21 5.10 -3.79 9.74
N GLN A 22 6.40 -3.90 9.45
CA GLN A 22 7.38 -2.97 9.99
C GLN A 22 8.22 -2.35 8.87
N SER A 23 7.56 -1.60 7.99
CA SER A 23 8.25 -0.96 6.88
C SER A 23 7.31 -0.04 6.12
N SER A 24 7.84 1.06 5.61
CA SER A 24 7.05 2.03 4.86
C SER A 24 7.31 1.91 3.37
N CYS A 25 7.54 0.68 2.90
CA CYS A 25 7.81 0.43 1.49
C CYS A 25 6.66 0.95 0.63
N LEU A 26 5.46 1.01 1.20
CA LEU A 26 4.29 1.47 0.49
C LEU A 26 4.55 2.83 -0.17
N SER A 27 5.42 3.62 0.46
CA SER A 27 5.76 4.94 -0.06
C SER A 27 6.27 4.84 -1.49
N ILE A 28 7.49 4.35 -1.66
CA ILE A 28 8.08 4.20 -2.98
C ILE A 28 7.31 3.20 -3.83
N HIS A 29 6.84 2.13 -3.19
CA HIS A 29 6.07 1.10 -3.89
C HIS A 29 4.85 1.70 -4.58
N ARG A 30 4.36 2.80 -4.04
CA ARG A 30 3.19 3.47 -4.60
C ARG A 30 3.60 4.38 -5.77
N ARG A 31 4.83 4.87 -5.72
CA ARG A 31 5.33 5.75 -6.78
C ARG A 31 5.21 5.09 -8.15
N VAL A 32 5.69 3.86 -8.26
CA VAL A 32 5.62 3.12 -9.52
C VAL A 32 4.17 2.81 -9.90
N HIS A 33 3.31 2.73 -8.89
CA HIS A 33 1.90 2.45 -9.12
C HIS A 33 1.20 3.64 -9.77
N THR A 34 1.22 3.67 -11.10
CA THR A 34 0.60 4.76 -11.85
C THR A 34 -0.87 4.89 -11.50
N GLY A 35 -1.38 6.11 -11.53
CA GLY A 35 -2.78 6.35 -11.21
C GLY A 35 -3.27 7.70 -11.72
N GLU A 36 -2.80 8.77 -11.10
CA GLU A 36 -3.19 10.12 -11.50
C GLU A 36 -2.74 10.42 -12.93
N SER A 37 -3.45 11.34 -13.58
CA SER A 37 -3.13 11.71 -14.95
C SER A 37 -2.54 13.12 -15.01
N GLY A 38 -1.21 13.20 -15.11
CA GLY A 38 -0.55 14.49 -15.17
C GLY A 38 0.71 14.53 -14.34
N PRO A 39 1.78 13.91 -14.85
CA PRO A 39 3.07 13.85 -14.16
C PRO A 39 3.53 15.23 -13.67
N SER A 40 4.46 15.23 -12.73
CA SER A 40 4.98 16.48 -12.17
C SER A 40 6.13 17.01 -13.00
N SER A 41 6.19 18.34 -13.15
CA SER A 41 7.24 18.98 -13.93
C SER A 41 7.88 20.12 -13.14
N GLY A 42 9.17 19.96 -12.84
CA GLY A 42 9.88 20.98 -12.08
C GLY A 42 10.92 20.39 -11.16
ZN ZN B . 1.41 -2.38 -4.88
N GLY A 1 2.45 -19.50 10.29
CA GLY A 1 1.57 -18.92 9.29
C GLY A 1 1.22 -17.47 9.59
N SER A 2 0.77 -17.22 10.81
CA SER A 2 0.39 -15.87 11.22
C SER A 2 0.37 -15.75 12.74
N SER A 3 0.70 -14.56 13.23
CA SER A 3 0.72 -14.31 14.67
C SER A 3 -0.29 -13.24 15.05
N GLY A 4 -0.35 -12.18 14.26
CA GLY A 4 -1.28 -11.10 14.53
C GLY A 4 -0.58 -9.84 15.01
N SER A 5 -0.28 -8.94 14.07
CA SER A 5 0.40 -7.69 14.41
C SER A 5 -0.60 -6.54 14.51
N SER A 6 -0.28 -5.56 15.35
CA SER A 6 -1.16 -4.41 15.54
C SER A 6 -0.38 -3.24 16.14
N GLY A 7 -0.64 -2.04 15.61
CA GLY A 7 0.04 -0.85 16.10
C GLY A 7 1.43 -0.70 15.52
N GLU A 8 1.59 -1.11 14.26
CA GLU A 8 2.89 -1.02 13.59
C GLU A 8 2.74 -0.38 12.22
N LYS A 9 1.90 0.66 12.14
CA LYS A 9 1.68 1.37 10.89
C LYS A 9 1.16 0.42 9.80
N PRO A 10 -0.07 -0.08 10.00
CA PRO A 10 -0.70 -1.00 9.04
C PRO A 10 -1.17 -0.30 7.78
N TYR A 11 -0.23 0.05 6.92
CA TYR A 11 -0.54 0.73 5.66
C TYR A 11 -0.56 -0.25 4.51
N VAL A 12 -1.76 -0.57 4.02
CA VAL A 12 -1.92 -1.50 2.92
C VAL A 12 -2.01 -0.76 1.59
N CYS A 13 -1.29 -1.24 0.59
CA CYS A 13 -1.28 -0.63 -0.73
C CYS A 13 -2.70 -0.54 -1.29
N GLN A 14 -3.48 -1.60 -1.07
CA GLN A 14 -4.85 -1.64 -1.55
C GLN A 14 -4.91 -1.35 -3.06
N GLU A 15 -3.85 -1.72 -3.76
CA GLU A 15 -3.79 -1.49 -5.21
C GLU A 15 -3.38 -2.75 -5.95
N CYS A 16 -2.40 -3.46 -5.39
CA CYS A 16 -1.91 -4.69 -6.00
C CYS A 16 -2.15 -5.88 -5.07
N GLY A 17 -2.16 -5.63 -3.77
CA GLY A 17 -2.38 -6.69 -2.80
C GLY A 17 -1.10 -7.12 -2.11
N LYS A 18 -0.25 -6.16 -1.79
CA LYS A 18 1.01 -6.44 -1.12
C LYS A 18 1.19 -5.56 0.11
N ALA A 19 0.81 -6.09 1.27
CA ALA A 19 0.92 -5.36 2.52
C ALA A 19 2.38 -5.25 2.96
N PHE A 20 2.64 -4.35 3.90
CA PHE A 20 4.01 -4.14 4.40
C PHE A 20 3.99 -3.91 5.90
N THR A 21 5.19 -3.83 6.50
CA THR A 21 5.32 -3.62 7.93
C THR A 21 5.46 -2.14 8.26
N GLN A 22 6.16 -1.42 7.40
CA GLN A 22 6.37 0.02 7.59
C GLN A 22 5.54 0.83 6.59
N SER A 23 5.17 2.05 6.99
CA SER A 23 4.37 2.92 6.14
C SER A 23 5.22 3.48 5.00
N SER A 24 6.50 3.70 5.28
CA SER A 24 7.42 4.25 4.28
C SER A 24 7.61 3.27 3.13
N CYS A 25 7.43 1.98 3.43
CA CYS A 25 7.58 0.93 2.41
C CYS A 25 6.53 1.08 1.31
N LEU A 26 5.32 1.46 1.71
CA LEU A 26 4.23 1.64 0.76
C LEU A 26 4.44 2.89 -0.09
N SER A 27 5.02 3.92 0.53
CA SER A 27 5.27 5.18 -0.16
C SER A 27 6.02 4.94 -1.48
N ILE A 28 7.30 4.60 -1.37
CA ILE A 28 8.12 4.35 -2.54
C ILE A 28 7.50 3.26 -3.42
N HIS A 29 6.71 2.39 -2.81
CA HIS A 29 6.06 1.31 -3.52
C HIS A 29 4.96 1.84 -4.44
N ARG A 30 4.36 2.97 -4.04
CA ARG A 30 3.29 3.59 -4.82
C ARG A 30 3.87 4.31 -6.04
N ARG A 31 5.12 4.74 -5.92
CA ARG A 31 5.78 5.45 -7.02
C ARG A 31 5.79 4.61 -8.28
N VAL A 32 5.75 3.30 -8.12
CA VAL A 32 5.76 2.38 -9.25
C VAL A 32 4.35 1.87 -9.55
N HIS A 33 3.36 2.71 -9.30
CA HIS A 33 1.97 2.34 -9.55
C HIS A 33 1.26 3.41 -10.37
N THR A 34 2.03 4.14 -11.19
CA THR A 34 1.48 5.18 -12.03
C THR A 34 1.32 4.71 -13.47
N GLY A 35 0.22 4.02 -13.73
CA GLY A 35 -0.03 3.52 -15.07
C GLY A 35 -1.42 3.88 -15.58
N GLU A 36 -2.30 2.89 -15.66
CA GLU A 36 -3.66 3.10 -16.12
C GLU A 36 -4.40 4.06 -15.20
N SER A 37 -4.40 5.34 -15.54
CA SER A 37 -5.07 6.35 -14.74
C SER A 37 -6.59 6.26 -14.90
N GLY A 38 -7.31 6.65 -13.85
CA GLY A 38 -8.75 6.60 -13.90
C GLY A 38 -9.37 6.22 -12.56
N PRO A 39 -10.68 5.93 -12.56
CA PRO A 39 -11.40 5.54 -11.35
C PRO A 39 -10.69 4.44 -10.56
N SER A 40 -10.82 4.47 -9.24
CA SER A 40 -10.19 3.48 -8.38
C SER A 40 -11.11 2.29 -8.16
N SER A 41 -12.19 2.53 -7.42
CA SER A 41 -13.15 1.47 -7.12
C SER A 41 -14.41 1.63 -7.97
N GLY A 42 -14.92 2.85 -8.03
CA GLY A 42 -16.12 3.12 -8.81
C GLY A 42 -16.94 4.26 -8.25
ZN ZN B . 1.15 -2.05 -4.67
N GLY A 1 -12.09 -16.24 15.48
CA GLY A 1 -10.99 -17.12 15.10
C GLY A 1 -9.66 -16.38 15.01
N SER A 2 -9.09 -16.07 16.17
CA SER A 2 -7.82 -15.35 16.22
C SER A 2 -7.22 -15.40 17.63
N SER A 3 -6.01 -14.86 17.77
CA SER A 3 -5.34 -14.83 19.05
C SER A 3 -5.46 -13.47 19.72
N GLY A 4 -5.11 -12.43 18.99
CA GLY A 4 -5.20 -11.08 19.53
C GLY A 4 -4.76 -10.02 18.53
N SER A 5 -3.95 -9.07 18.99
CA SER A 5 -3.47 -8.00 18.13
C SER A 5 -1.98 -8.19 17.81
N SER A 6 -1.57 -9.45 17.70
CA SER A 6 -0.18 -9.77 17.40
C SER A 6 0.14 -9.50 15.94
N GLY A 7 0.87 -8.42 15.68
CA GLY A 7 1.22 -8.07 14.32
C GLY A 7 1.24 -6.57 14.09
N GLU A 8 1.55 -6.16 12.86
CA GLU A 8 1.61 -4.75 12.52
C GLU A 8 1.36 -4.54 11.02
N LYS A 9 0.35 -3.74 10.70
CA LYS A 9 0.01 -3.46 9.31
C LYS A 9 -1.05 -2.36 9.22
N PRO A 10 -0.66 -1.14 9.59
CA PRO A 10 -1.56 0.03 9.54
C PRO A 10 -1.80 0.53 8.13
N TYR A 11 -0.85 0.27 7.24
CA TYR A 11 -0.96 0.69 5.85
C TYR A 11 -0.81 -0.49 4.91
N VAL A 12 -1.67 -0.55 3.90
CA VAL A 12 -1.63 -1.63 2.91
C VAL A 12 -1.94 -1.12 1.51
N CYS A 13 -1.02 -1.35 0.59
CA CYS A 13 -1.19 -0.91 -0.79
C CYS A 13 -2.49 -1.46 -1.38
N GLN A 14 -3.40 -0.56 -1.73
CA GLN A 14 -4.68 -0.94 -2.31
C GLN A 14 -4.64 -0.87 -3.83
N GLU A 15 -3.59 -1.43 -4.42
CA GLU A 15 -3.44 -1.42 -5.88
C GLU A 15 -3.11 -2.82 -6.40
N CYS A 16 -2.18 -3.49 -5.74
CA CYS A 16 -1.77 -4.83 -6.14
C CYS A 16 -2.14 -5.85 -5.06
N GLY A 17 -2.22 -5.38 -3.82
CA GLY A 17 -2.57 -6.27 -2.72
C GLY A 17 -1.36 -6.77 -1.97
N LYS A 18 -0.47 -5.85 -1.61
CA LYS A 18 0.74 -6.21 -0.88
C LYS A 18 0.92 -5.32 0.35
N ALA A 19 1.10 -5.95 1.50
CA ALA A 19 1.28 -5.22 2.76
C ALA A 19 2.73 -5.30 3.23
N PHE A 20 3.11 -4.36 4.08
CA PHE A 20 4.48 -4.32 4.61
C PHE A 20 4.47 -4.00 6.11
N THR A 21 5.63 -4.16 6.74
CA THR A 21 5.76 -3.88 8.17
C THR A 21 5.81 -2.38 8.44
N GLN A 22 6.65 -1.67 7.70
CA GLN A 22 6.79 -0.24 7.86
C GLN A 22 5.72 0.51 7.07
N SER A 23 5.67 1.83 7.24
CA SER A 23 4.69 2.65 6.54
C SER A 23 5.32 3.30 5.31
N SER A 24 6.58 3.68 5.42
CA SER A 24 7.30 4.32 4.32
C SER A 24 7.46 3.36 3.15
N CYS A 25 7.52 2.06 3.46
CA CYS A 25 7.69 1.04 2.43
C CYS A 25 6.56 1.13 1.39
N LEU A 26 5.40 1.58 1.83
CA LEU A 26 4.25 1.71 0.94
C LEU A 26 4.40 2.92 0.02
N SER A 27 5.07 3.95 0.52
CA SER A 27 5.30 5.16 -0.26
C SER A 27 6.05 4.84 -1.55
N ILE A 28 7.32 4.49 -1.43
CA ILE A 28 8.14 4.16 -2.58
C ILE A 28 7.48 3.08 -3.43
N HIS A 29 6.70 2.23 -2.79
CA HIS A 29 6.01 1.15 -3.50
C HIS A 29 4.85 1.69 -4.34
N ARG A 30 4.22 2.76 -3.84
CA ARG A 30 3.11 3.37 -4.54
C ARG A 30 3.59 4.14 -5.77
N ARG A 31 4.84 4.60 -5.72
CA ARG A 31 5.42 5.35 -6.83
C ARG A 31 5.36 4.55 -8.12
N VAL A 32 5.45 3.23 -7.99
CA VAL A 32 5.41 2.34 -9.16
C VAL A 32 4.01 1.77 -9.36
N HIS A 33 2.99 2.60 -9.19
CA HIS A 33 1.61 2.18 -9.36
C HIS A 33 0.78 3.27 -10.04
N THR A 34 0.39 3.02 -11.28
CA THR A 34 -0.41 3.97 -12.04
C THR A 34 -1.81 4.09 -11.48
N GLY A 35 -2.28 5.32 -11.29
CA GLY A 35 -3.60 5.54 -10.76
C GLY A 35 -4.64 5.72 -11.85
N GLU A 36 -5.75 6.37 -11.51
CA GLU A 36 -6.83 6.60 -12.47
C GLU A 36 -6.66 7.95 -13.17
N SER A 37 -6.42 7.90 -14.48
CA SER A 37 -6.23 9.11 -15.26
C SER A 37 -7.37 9.29 -16.26
N GLY A 38 -7.85 10.53 -16.38
CA GLY A 38 -8.94 10.81 -17.30
C GLY A 38 -10.27 10.99 -16.59
N PRO A 39 -11.35 11.10 -17.36
CA PRO A 39 -12.70 11.28 -16.82
C PRO A 39 -13.24 9.99 -16.20
N SER A 40 -13.12 9.89 -14.88
CA SER A 40 -13.60 8.71 -14.16
C SER A 40 -14.78 9.06 -13.27
N SER A 41 -15.98 8.63 -13.68
CA SER A 41 -17.18 8.91 -12.92
C SER A 41 -17.03 8.45 -11.47
N GLY A 42 -17.01 9.42 -10.55
CA GLY A 42 -16.87 9.11 -9.15
C GLY A 42 -18.16 9.28 -8.37
ZN ZN B . 1.16 -2.20 -4.70
N GLY A 1 -11.01 -9.07 21.13
CA GLY A 1 -10.81 -7.79 20.48
C GLY A 1 -9.93 -6.86 21.29
N SER A 2 -8.61 -7.11 21.24
CA SER A 2 -7.66 -6.30 21.98
C SER A 2 -6.77 -5.50 21.03
N SER A 3 -6.26 -4.37 21.50
CA SER A 3 -5.40 -3.52 20.69
C SER A 3 -3.95 -3.59 21.17
N GLY A 4 -3.34 -4.76 21.02
CA GLY A 4 -1.96 -4.95 21.44
C GLY A 4 -1.22 -5.94 20.57
N SER A 5 -1.48 -7.23 20.80
CA SER A 5 -0.83 -8.29 20.05
C SER A 5 -1.86 -9.13 19.29
N SER A 6 -2.19 -8.70 18.08
CA SER A 6 -3.15 -9.42 17.25
C SER A 6 -2.61 -9.63 15.84
N GLY A 7 -2.24 -8.54 15.18
CA GLY A 7 -1.71 -8.63 13.83
C GLY A 7 -1.04 -7.36 13.39
N GLU A 8 0.10 -7.50 12.70
CA GLU A 8 0.84 -6.34 12.23
C GLU A 8 0.50 -6.04 10.77
N LYS A 9 -0.18 -4.93 10.55
CA LYS A 9 -0.58 -4.51 9.21
C LYS A 9 -1.31 -3.18 9.23
N PRO A 10 -0.56 -2.11 9.54
CA PRO A 10 -1.11 -0.75 9.60
C PRO A 10 -1.39 -0.17 8.23
N TYR A 11 -0.42 -0.32 7.32
CA TYR A 11 -0.56 0.19 5.96
C TYR A 11 -0.46 -0.94 4.94
N VAL A 12 -1.54 -1.11 4.17
CA VAL A 12 -1.57 -2.16 3.16
C VAL A 12 -1.86 -1.57 1.77
N CYS A 13 -1.01 -1.90 0.81
CA CYS A 13 -1.17 -1.41 -0.56
C CYS A 13 -2.38 -2.06 -1.23
N GLN A 14 -3.37 -1.23 -1.57
CA GLN A 14 -4.57 -1.73 -2.23
C GLN A 14 -4.40 -1.77 -3.73
N GLU A 15 -3.51 -0.93 -4.25
CA GLU A 15 -3.25 -0.87 -5.69
C GLU A 15 -2.94 -2.25 -6.24
N CYS A 16 -2.07 -2.98 -5.55
CA CYS A 16 -1.69 -4.32 -5.97
C CYS A 16 -2.18 -5.37 -4.97
N GLY A 17 -2.29 -4.97 -3.71
CA GLY A 17 -2.74 -5.88 -2.68
C GLY A 17 -1.60 -6.58 -1.98
N LYS A 18 -0.79 -5.82 -1.27
CA LYS A 18 0.36 -6.37 -0.54
C LYS A 18 0.59 -5.62 0.77
N ALA A 19 0.52 -6.36 1.88
CA ALA A 19 0.71 -5.76 3.19
C ALA A 19 2.20 -5.64 3.52
N PHE A 20 2.59 -4.48 4.04
CA PHE A 20 3.98 -4.23 4.40
C PHE A 20 4.15 -4.11 5.91
N THR A 21 5.37 -3.84 6.34
CA THR A 21 5.67 -3.70 7.76
C THR A 21 5.87 -2.23 8.15
N GLN A 22 6.81 -1.58 7.48
CA GLN A 22 7.10 -0.18 7.75
C GLN A 22 6.01 0.73 7.18
N SER A 23 6.12 2.02 7.45
CA SER A 23 5.14 2.99 6.96
C SER A 23 5.79 3.97 5.98
N SER A 24 6.85 3.52 5.32
CA SER A 24 7.56 4.35 4.37
C SER A 24 7.75 3.62 3.04
N CYS A 25 8.07 2.33 3.12
CA CYS A 25 8.29 1.52 1.94
C CYS A 25 7.09 1.61 0.99
N LEU A 26 5.89 1.68 1.57
CA LEU A 26 4.67 1.77 0.78
C LEU A 26 4.68 3.02 -0.10
N SER A 27 5.34 4.07 0.38
CA SER A 27 5.43 5.32 -0.37
C SER A 27 6.06 5.10 -1.74
N ILE A 28 7.35 4.79 -1.75
CA ILE A 28 8.07 4.55 -2.99
C ILE A 28 7.43 3.43 -3.79
N HIS A 29 6.74 2.54 -3.10
CA HIS A 29 6.07 1.40 -3.74
C HIS A 29 4.79 1.86 -4.44
N ARG A 30 4.19 2.92 -3.93
CA ARG A 30 2.97 3.46 -4.51
C ARG A 30 3.26 4.28 -5.76
N ARG A 31 4.45 4.86 -5.80
CA ARG A 31 4.87 5.68 -6.94
C ARG A 31 5.15 4.81 -8.16
N VAL A 32 5.56 3.57 -7.90
CA VAL A 32 5.88 2.63 -8.98
C VAL A 32 4.65 1.81 -9.36
N HIS A 33 3.52 2.49 -9.52
CA HIS A 33 2.28 1.83 -9.90
C HIS A 33 1.57 2.57 -11.02
N THR A 34 1.89 2.20 -12.26
CA THR A 34 1.29 2.84 -13.43
C THR A 34 -0.23 2.86 -13.33
N GLY A 35 -0.79 1.80 -12.75
CA GLY A 35 -2.23 1.72 -12.61
C GLY A 35 -2.79 0.39 -13.10
N GLU A 36 -4.11 0.30 -13.17
CA GLU A 36 -4.77 -0.92 -13.62
C GLU A 36 -6.14 -0.61 -14.21
N SER A 37 -6.28 -0.86 -15.51
CA SER A 37 -7.54 -0.61 -16.20
C SER A 37 -8.61 -1.60 -15.77
N GLY A 38 -9.86 -1.33 -16.15
CA GLY A 38 -10.95 -2.22 -15.79
C GLY A 38 -12.31 -1.60 -16.06
N PRO A 39 -12.70 -1.55 -17.34
CA PRO A 39 -13.98 -0.98 -17.76
C PRO A 39 -15.14 -1.51 -16.93
N SER A 40 -15.25 -2.82 -16.83
CA SER A 40 -16.33 -3.45 -16.07
C SER A 40 -15.83 -3.90 -14.70
N SER A 41 -16.56 -3.51 -13.66
CA SER A 41 -16.18 -3.88 -12.30
C SER A 41 -17.43 -4.14 -11.44
N GLY A 42 -17.26 -4.93 -10.40
CA GLY A 42 -18.38 -5.23 -9.52
C GLY A 42 -18.29 -4.50 -8.20
ZN ZN B . 1.41 -2.02 -4.59
N GLY A 1 -8.91 2.40 27.63
CA GLY A 1 -7.91 3.41 27.34
C GLY A 1 -7.54 3.46 25.87
N SER A 2 -6.54 2.67 25.48
CA SER A 2 -6.09 2.64 24.10
C SER A 2 -5.60 1.24 23.72
N SER A 3 -6.01 0.78 22.55
CA SER A 3 -5.63 -0.55 22.08
C SER A 3 -4.56 -0.45 21.00
N GLY A 4 -3.30 -0.34 21.44
CA GLY A 4 -2.20 -0.23 20.50
C GLY A 4 -2.29 0.99 19.63
N SER A 5 -2.43 2.16 20.25
CA SER A 5 -2.53 3.42 19.53
C SER A 5 -1.16 4.08 19.37
N SER A 6 -0.32 3.91 20.38
CA SER A 6 1.01 4.50 20.36
C SER A 6 1.77 4.09 19.11
N GLY A 7 1.51 2.86 18.64
CA GLY A 7 2.18 2.37 17.45
C GLY A 7 1.21 1.78 16.45
N GLU A 8 1.23 2.32 15.23
CA GLU A 8 0.34 1.85 14.18
C GLU A 8 0.72 2.45 12.83
N LYS A 9 0.75 1.62 11.80
CA LYS A 9 1.10 2.08 10.45
C LYS A 9 0.99 0.93 9.45
N PRO A 10 -0.25 0.49 9.18
CA PRO A 10 -0.53 -0.59 8.24
C PRO A 10 0.21 -0.40 6.91
N TYR A 11 -0.06 0.73 6.25
CA TYR A 11 0.57 1.02 4.97
C TYR A 11 0.39 -0.14 3.99
N VAL A 12 -0.83 -0.67 3.94
CA VAL A 12 -1.13 -1.78 3.04
C VAL A 12 -1.66 -1.28 1.71
N CYS A 13 -1.20 -1.89 0.63
CA CYS A 13 -1.63 -1.50 -0.71
C CYS A 13 -2.82 -2.35 -1.17
N GLN A 14 -3.98 -1.71 -1.29
CA GLN A 14 -5.19 -2.40 -1.71
C GLN A 14 -5.27 -2.46 -3.24
N GLU A 15 -4.62 -1.51 -3.90
CA GLU A 15 -4.62 -1.48 -5.36
C GLU A 15 -4.19 -2.82 -5.95
N CYS A 16 -3.09 -3.36 -5.43
CA CYS A 16 -2.58 -4.64 -5.90
C CYS A 16 -2.73 -5.71 -4.83
N GLY A 17 -2.65 -5.30 -3.57
CA GLY A 17 -2.79 -6.24 -2.47
C GLY A 17 -1.46 -6.54 -1.80
N LYS A 18 -0.54 -5.59 -1.86
CA LYS A 18 0.77 -5.76 -1.25
C LYS A 18 0.86 -4.98 0.07
N ALA A 19 0.94 -5.71 1.18
CA ALA A 19 1.04 -5.09 2.48
C ALA A 19 2.47 -5.13 3.00
N PHE A 20 2.92 -4.03 3.61
CA PHE A 20 4.26 -3.94 4.15
C PHE A 20 4.24 -3.47 5.60
N THR A 21 3.95 -4.41 6.51
CA THR A 21 3.88 -4.09 7.93
C THR A 21 5.28 -3.80 8.48
N GLN A 22 6.30 -4.35 7.84
CA GLN A 22 7.67 -4.15 8.27
C GLN A 22 8.00 -2.67 8.36
N SER A 23 8.17 -2.03 7.21
CA SER A 23 8.49 -0.61 7.16
C SER A 23 7.55 0.13 6.21
N SER A 24 7.80 1.42 6.02
CA SER A 24 6.98 2.24 5.14
C SER A 24 7.40 2.06 3.68
N CYS A 25 7.18 0.87 3.15
CA CYS A 25 7.54 0.58 1.77
C CYS A 25 6.47 1.06 0.80
N LEU A 26 5.23 1.15 1.30
CA LEU A 26 4.11 1.61 0.49
C LEU A 26 4.42 2.93 -0.18
N SER A 27 5.24 3.74 0.48
CA SER A 27 5.62 5.05 -0.05
C SER A 27 6.27 4.91 -1.43
N ILE A 28 7.49 4.37 -1.44
CA ILE A 28 8.21 4.18 -2.69
C ILE A 28 7.41 3.33 -3.67
N HIS A 29 6.60 2.43 -3.14
CA HIS A 29 5.77 1.56 -3.97
C HIS A 29 4.79 2.38 -4.80
N ARG A 30 4.05 3.27 -4.14
CA ARG A 30 3.08 4.11 -4.82
C ARG A 30 3.73 4.91 -5.93
N ARG A 31 5.02 5.19 -5.78
CA ARG A 31 5.76 5.95 -6.77
C ARG A 31 6.05 5.09 -8.01
N VAL A 32 6.25 3.80 -7.79
CA VAL A 32 6.53 2.88 -8.89
C VAL A 32 5.38 1.88 -9.07
N HIS A 33 4.16 2.36 -8.87
CA HIS A 33 2.98 1.51 -9.01
C HIS A 33 2.34 1.70 -10.39
N THR A 34 2.53 2.88 -10.96
CA THR A 34 1.98 3.19 -12.28
C THR A 34 3.07 3.29 -13.33
N GLY A 35 3.58 2.15 -13.77
CA GLY A 35 4.63 2.13 -14.77
C GLY A 35 4.97 0.72 -15.23
N GLU A 36 4.35 0.31 -16.34
CA GLU A 36 4.60 -1.02 -16.88
C GLU A 36 4.82 -0.96 -18.39
N SER A 37 5.17 -2.10 -18.98
CA SER A 37 5.40 -2.17 -20.42
C SER A 37 4.34 -3.02 -21.11
N GLY A 38 3.55 -2.39 -21.96
CA GLY A 38 2.50 -3.09 -22.66
C GLY A 38 1.31 -2.21 -22.99
N PRO A 39 0.22 -2.83 -23.46
CA PRO A 39 -1.00 -2.10 -23.82
C PRO A 39 -1.79 -1.65 -22.60
N SER A 40 -1.31 -0.61 -21.94
CA SER A 40 -1.96 -0.08 -20.75
C SER A 40 -2.43 1.35 -20.97
N SER A 41 -3.18 1.88 -20.02
CA SER A 41 -3.69 3.25 -20.12
C SER A 41 -2.86 4.19 -19.26
N GLY A 42 -2.63 5.40 -19.79
CA GLY A 42 -1.84 6.39 -19.06
C GLY A 42 -0.81 7.07 -19.94
ZN ZN B . 0.41 -1.73 -5.03
N GLY A 1 -14.26 -13.53 8.80
CA GLY A 1 -15.09 -12.35 8.93
C GLY A 1 -15.32 -11.95 10.37
N SER A 2 -14.43 -11.12 10.89
CA SER A 2 -14.53 -10.66 12.28
C SER A 2 -15.38 -9.40 12.37
N SER A 3 -15.87 -9.11 13.57
CA SER A 3 -16.71 -7.94 13.80
C SER A 3 -16.25 -7.17 15.04
N GLY A 4 -15.62 -6.02 14.83
CA GLY A 4 -15.14 -5.22 15.95
C GLY A 4 -14.46 -3.95 15.49
N SER A 5 -13.54 -3.46 16.30
CA SER A 5 -12.81 -2.24 15.98
C SER A 5 -11.32 -2.52 15.74
N SER A 6 -10.58 -1.49 15.37
CA SER A 6 -9.16 -1.63 15.12
C SER A 6 -8.51 -0.28 14.86
N GLY A 7 -7.36 -0.05 15.50
CA GLY A 7 -6.66 1.22 15.33
C GLY A 7 -5.16 1.04 15.19
N GLU A 8 -4.73 0.61 14.01
CA GLU A 8 -3.32 0.39 13.75
C GLU A 8 -2.87 1.11 12.48
N LYS A 9 -1.60 0.96 12.12
CA LYS A 9 -1.06 1.59 10.93
C LYS A 9 -0.47 0.56 9.98
N PRO A 10 -1.36 -0.23 9.34
CA PRO A 10 -0.95 -1.27 8.40
C PRO A 10 -0.51 -0.70 7.06
N TYR A 11 -1.32 0.22 6.51
CA TYR A 11 -1.02 0.84 5.23
C TYR A 11 -0.90 -0.21 4.13
N VAL A 12 -1.76 -1.21 4.19
CA VAL A 12 -1.75 -2.28 3.19
C VAL A 12 -2.17 -1.76 1.81
N CYS A 13 -1.33 -1.99 0.82
CA CYS A 13 -1.60 -1.55 -0.54
C CYS A 13 -2.79 -2.30 -1.14
N GLN A 14 -3.91 -1.60 -1.30
CA GLN A 14 -5.11 -2.21 -1.85
C GLN A 14 -5.04 -2.27 -3.38
N GLU A 15 -4.28 -1.36 -3.97
CA GLU A 15 -4.13 -1.31 -5.41
C GLU A 15 -3.73 -2.67 -5.97
N CYS A 16 -2.58 -3.17 -5.53
CA CYS A 16 -2.08 -4.46 -5.99
C CYS A 16 -2.40 -5.55 -4.97
N GLY A 17 -2.45 -5.17 -3.70
CA GLY A 17 -2.75 -6.13 -2.65
C GLY A 17 -1.50 -6.65 -1.98
N LYS A 18 -0.77 -5.77 -1.31
CA LYS A 18 0.46 -6.16 -0.62
C LYS A 18 0.59 -5.42 0.70
N ALA A 19 0.85 -6.16 1.78
CA ALA A 19 1.00 -5.57 3.10
C ALA A 19 2.48 -5.51 3.50
N PHE A 20 2.88 -4.41 4.12
CA PHE A 20 4.25 -4.23 4.56
C PHE A 20 4.31 -3.85 6.04
N THR A 21 4.71 -4.80 6.88
CA THR A 21 4.81 -4.57 8.31
C THR A 21 6.27 -4.49 8.74
N GLN A 22 7.08 -3.79 7.96
CA GLN A 22 8.50 -3.63 8.28
C GLN A 22 8.89 -2.15 8.26
N SER A 23 8.58 -1.47 7.17
CA SER A 23 8.91 -0.06 7.03
C SER A 23 7.93 0.64 6.09
N SER A 24 8.14 1.94 5.88
CA SER A 24 7.28 2.72 5.00
C SER A 24 7.62 2.47 3.54
N CYS A 25 7.34 1.26 3.06
CA CYS A 25 7.62 0.90 1.68
C CYS A 25 6.52 1.38 0.76
N LEU A 26 5.31 1.50 1.30
CA LEU A 26 4.15 1.95 0.51
C LEU A 26 4.46 3.26 -0.20
N SER A 27 5.33 4.07 0.40
CA SER A 27 5.70 5.35 -0.18
C SER A 27 6.26 5.16 -1.59
N ILE A 28 7.48 4.64 -1.66
CA ILE A 28 8.13 4.41 -2.95
C ILE A 28 7.39 3.36 -3.76
N HIS A 29 6.78 2.40 -3.08
CA HIS A 29 6.03 1.35 -3.74
C HIS A 29 4.92 1.92 -4.61
N ARG A 30 4.46 3.11 -4.26
CA ARG A 30 3.40 3.78 -5.02
C ARG A 30 3.98 4.59 -6.17
N ARG A 31 5.24 5.02 -6.01
CA ARG A 31 5.90 5.80 -7.04
C ARG A 31 6.04 5.01 -8.33
N VAL A 32 6.08 3.69 -8.21
CA VAL A 32 6.20 2.81 -9.37
C VAL A 32 4.83 2.47 -9.95
N HIS A 33 3.81 2.53 -9.10
CA HIS A 33 2.45 2.23 -9.54
C HIS A 33 1.97 3.24 -10.57
N THR A 34 2.43 4.48 -10.44
CA THR A 34 2.05 5.53 -11.38
C THR A 34 2.39 5.15 -12.82
N GLY A 35 1.38 5.14 -13.67
CA GLY A 35 1.58 4.79 -15.06
C GLY A 35 2.63 5.66 -15.73
N GLU A 36 2.33 6.95 -15.84
CA GLU A 36 3.25 7.89 -16.47
C GLU A 36 4.15 8.55 -15.43
N SER A 37 5.40 8.11 -15.37
CA SER A 37 6.36 8.65 -14.42
C SER A 37 7.80 8.38 -14.87
N GLY A 38 8.71 9.26 -14.47
CA GLY A 38 10.11 9.09 -14.84
C GLY A 38 10.32 9.18 -16.34
N PRO A 39 11.59 9.17 -16.76
CA PRO A 39 11.95 9.25 -18.18
C PRO A 39 11.67 7.95 -18.92
N SER A 40 11.91 6.82 -18.26
CA SER A 40 11.67 5.52 -18.86
C SER A 40 10.41 4.87 -18.28
N SER A 41 9.63 4.25 -19.15
CA SER A 41 8.39 3.59 -18.74
C SER A 41 8.51 2.09 -18.88
N GLY A 42 9.04 1.44 -17.84
CA GLY A 42 9.21 0.00 -17.86
C GLY A 42 9.13 -0.61 -16.48
ZN ZN B . 0.92 -1.77 -4.53
N GLY A 1 -17.11 0.43 0.72
CA GLY A 1 -17.31 1.86 0.86
C GLY A 1 -17.64 2.27 2.28
N SER A 2 -18.81 2.88 2.45
CA SER A 2 -19.25 3.33 3.77
C SER A 2 -20.32 2.40 4.33
N SER A 3 -19.91 1.18 4.67
CA SER A 3 -20.83 0.19 5.21
C SER A 3 -20.25 -0.48 6.45
N GLY A 4 -18.96 -0.82 6.39
CA GLY A 4 -18.30 -1.47 7.51
C GLY A 4 -16.80 -1.29 7.47
N SER A 5 -16.36 -0.04 7.37
CA SER A 5 -14.93 0.26 7.32
C SER A 5 -14.29 0.09 8.69
N SER A 6 -13.66 -1.05 8.90
CA SER A 6 -13.00 -1.35 10.18
C SER A 6 -11.71 -2.15 9.96
N GLY A 7 -10.71 -1.84 10.76
CA GLY A 7 -9.43 -2.53 10.64
C GLY A 7 -8.25 -1.63 10.94
N GLU A 8 -7.11 -1.93 10.33
CA GLU A 8 -5.90 -1.13 10.53
C GLU A 8 -4.82 -1.52 9.53
N LYS A 9 -4.56 -0.63 8.58
CA LYS A 9 -3.56 -0.87 7.56
C LYS A 9 -2.96 0.44 7.06
N PRO A 10 -2.14 1.07 7.91
CA PRO A 10 -1.48 2.34 7.58
C PRO A 10 -0.72 2.27 6.26
N TYR A 11 0.23 1.36 6.17
CA TYR A 11 1.02 1.20 4.96
C TYR A 11 0.71 -0.13 4.28
N VAL A 12 -0.32 -0.13 3.44
CA VAL A 12 -0.73 -1.33 2.72
C VAL A 12 -1.35 -0.97 1.37
N CYS A 13 -0.71 -1.42 0.30
CA CYS A 13 -1.19 -1.15 -1.04
C CYS A 13 -2.40 -2.01 -1.37
N GLN A 14 -3.52 -1.36 -1.71
CA GLN A 14 -4.75 -2.07 -2.05
C GLN A 14 -4.87 -2.28 -3.55
N GLU A 15 -4.23 -1.40 -4.33
CA GLU A 15 -4.26 -1.48 -5.77
C GLU A 15 -3.87 -2.88 -6.25
N CYS A 16 -2.83 -3.44 -5.63
CA CYS A 16 -2.35 -4.76 -5.99
C CYS A 16 -2.52 -5.73 -4.83
N GLY A 17 -2.53 -5.20 -3.60
CA GLY A 17 -2.68 -6.03 -2.43
C GLY A 17 -1.35 -6.48 -1.86
N LYS A 18 -0.57 -5.53 -1.36
CA LYS A 18 0.73 -5.83 -0.78
C LYS A 18 0.90 -5.14 0.58
N ALA A 19 0.85 -5.94 1.65
CA ALA A 19 1.00 -5.41 3.00
C ALA A 19 2.45 -5.42 3.43
N PHE A 20 2.74 -4.72 4.52
CA PHE A 20 4.11 -4.65 5.04
C PHE A 20 4.12 -4.88 6.55
N THR A 21 5.32 -4.80 7.14
CA THR A 21 5.47 -5.01 8.57
C THR A 21 5.57 -3.69 9.31
N GLN A 22 6.69 -3.00 9.13
CA GLN A 22 6.92 -1.71 9.78
C GLN A 22 7.47 -0.70 8.81
N SER A 23 8.45 -1.12 8.00
CA SER A 23 9.08 -0.25 7.02
C SER A 23 8.03 0.37 6.09
N SER A 24 8.05 1.70 6.00
CA SER A 24 7.10 2.42 5.15
C SER A 24 7.51 2.31 3.68
N CYS A 25 7.43 1.11 3.13
CA CYS A 25 7.79 0.89 1.73
C CYS A 25 6.66 1.34 0.80
N LEU A 26 5.44 1.33 1.31
CA LEU A 26 4.28 1.74 0.52
C LEU A 26 4.48 3.13 -0.07
N SER A 27 5.25 3.96 0.63
CA SER A 27 5.54 5.32 0.18
C SER A 27 6.20 5.30 -1.20
N ILE A 28 7.05 4.30 -1.42
CA ILE A 28 7.75 4.17 -2.70
C ILE A 28 7.00 3.21 -3.63
N HIS A 29 6.49 2.12 -3.07
CA HIS A 29 5.75 1.14 -3.86
C HIS A 29 4.62 1.80 -4.63
N ARG A 30 4.02 2.82 -4.04
CA ARG A 30 2.92 3.54 -4.67
C ARG A 30 3.42 4.39 -5.83
N ARG A 31 4.69 4.78 -5.77
CA ARG A 31 5.28 5.60 -6.82
C ARG A 31 5.39 4.82 -8.13
N VAL A 32 6.07 3.69 -8.09
CA VAL A 32 6.24 2.85 -9.27
C VAL A 32 4.90 2.53 -9.91
N HIS A 33 3.85 2.50 -9.11
CA HIS A 33 2.51 2.21 -9.60
C HIS A 33 1.99 3.36 -10.47
N THR A 34 2.33 3.30 -11.76
CA THR A 34 1.89 4.32 -12.70
C THR A 34 1.28 3.71 -13.94
N GLY A 35 -0.02 3.38 -13.86
CA GLY A 35 -0.70 2.78 -14.98
C GLY A 35 -1.45 3.81 -15.81
N GLU A 36 -2.11 4.76 -15.14
CA GLU A 36 -2.87 5.80 -15.82
C GLU A 36 -1.95 6.68 -16.67
N SER A 37 -2.55 7.51 -17.51
CA SER A 37 -1.79 8.41 -18.37
C SER A 37 -2.20 9.86 -18.16
N GLY A 38 -1.23 10.76 -18.23
CA GLY A 38 -1.52 12.17 -18.05
C GLY A 38 -0.29 13.04 -18.25
N PRO A 39 0.12 13.20 -19.52
CA PRO A 39 1.28 14.01 -19.87
C PRO A 39 1.01 15.51 -19.76
N SER A 40 1.01 16.01 -18.53
CA SER A 40 0.75 17.42 -18.29
C SER A 40 2.02 18.25 -18.48
N SER A 41 2.35 18.52 -19.74
CA SER A 41 3.55 19.29 -20.06
C SER A 41 3.23 20.39 -21.08
N GLY A 42 2.19 21.16 -20.80
CA GLY A 42 1.80 22.23 -21.71
C GLY A 42 1.25 21.71 -23.02
ZN ZN B . 0.83 -2.17 -5.12
N GLY A 1 -10.01 -20.59 20.97
CA GLY A 1 -9.95 -19.30 20.31
C GLY A 1 -8.52 -18.84 20.07
N SER A 2 -7.92 -19.32 19.00
CA SER A 2 -6.54 -18.96 18.66
C SER A 2 -6.50 -17.64 17.88
N SER A 3 -5.94 -16.62 18.49
CA SER A 3 -5.84 -15.31 17.86
C SER A 3 -5.00 -14.36 18.70
N GLY A 4 -4.46 -13.32 18.06
CA GLY A 4 -3.64 -12.35 18.77
C GLY A 4 -2.62 -11.68 17.86
N SER A 5 -3.07 -11.30 16.66
CA SER A 5 -2.19 -10.65 15.70
C SER A 5 -2.04 -9.17 16.03
N SER A 6 -1.12 -8.86 16.93
CA SER A 6 -0.87 -7.48 17.33
C SER A 6 0.27 -6.87 16.51
N GLY A 7 -0.05 -5.83 15.76
CA GLY A 7 0.94 -5.17 14.94
C GLY A 7 0.35 -4.10 14.05
N GLU A 8 0.78 -2.86 14.24
CA GLU A 8 0.29 -1.75 13.44
C GLU A 8 0.70 -1.90 11.97
N LYS A 9 -0.29 -2.09 11.11
CA LYS A 9 -0.05 -2.25 9.68
C LYS A 9 -0.90 -1.29 8.87
N PRO A 10 -0.61 0.02 8.98
CA PRO A 10 -1.34 1.07 8.26
C PRO A 10 -0.97 1.12 6.79
N TYR A 11 0.26 0.70 6.47
CA TYR A 11 0.73 0.70 5.09
C TYR A 11 0.34 -0.58 4.37
N VAL A 12 -0.86 -0.57 3.78
CA VAL A 12 -1.35 -1.73 3.06
C VAL A 12 -1.90 -1.35 1.69
N CYS A 13 -1.16 -1.69 0.63
CA CYS A 13 -1.57 -1.37 -0.73
C CYS A 13 -2.79 -2.20 -1.13
N GLN A 14 -3.85 -1.52 -1.54
CA GLN A 14 -5.08 -2.20 -1.96
C GLN A 14 -5.11 -2.36 -3.48
N GLU A 15 -4.42 -1.48 -4.19
CA GLU A 15 -4.37 -1.54 -5.64
C GLU A 15 -3.97 -2.92 -6.12
N CYS A 16 -2.95 -3.49 -5.49
CA CYS A 16 -2.47 -4.83 -5.86
C CYS A 16 -2.63 -5.79 -4.69
N GLY A 17 -2.53 -5.28 -3.47
CA GLY A 17 -2.67 -6.11 -2.30
C GLY A 17 -1.33 -6.42 -1.63
N LYS A 18 -0.39 -5.49 -1.78
CA LYS A 18 0.93 -5.67 -1.19
C LYS A 18 1.09 -4.82 0.07
N ALA A 19 0.96 -5.46 1.22
CA ALA A 19 1.09 -4.76 2.50
C ALA A 19 2.46 -4.99 3.12
N PHE A 20 2.72 -4.32 4.23
CA PHE A 20 4.01 -4.46 4.92
C PHE A 20 3.82 -4.29 6.43
N THR A 21 4.93 -4.39 7.16
CA THR A 21 4.89 -4.26 8.61
C THR A 21 5.81 -3.13 9.08
N GLN A 22 7.11 -3.34 8.97
CA GLN A 22 8.08 -2.34 9.39
C GLN A 22 9.11 -2.09 8.30
N SER A 23 8.63 -1.89 7.07
CA SER A 23 9.51 -1.65 5.93
C SER A 23 9.23 -0.28 5.31
N SER A 24 7.97 0.12 5.35
CA SER A 24 7.56 1.40 4.78
C SER A 24 7.85 1.45 3.27
N CYS A 25 7.76 0.29 2.63
CA CYS A 25 8.01 0.20 1.20
C CYS A 25 6.85 0.77 0.40
N LEU A 26 5.66 0.74 1.00
CA LEU A 26 4.46 1.26 0.35
C LEU A 26 4.69 2.68 -0.17
N SER A 27 5.52 3.44 0.55
CA SER A 27 5.82 4.81 0.18
C SER A 27 6.30 4.89 -1.27
N ILE A 28 7.49 4.34 -1.52
CA ILE A 28 8.05 4.34 -2.86
C ILE A 28 7.22 3.50 -3.82
N HIS A 29 6.58 2.46 -3.28
CA HIS A 29 5.74 1.58 -4.08
C HIS A 29 4.73 2.38 -4.89
N ARG A 30 3.97 3.23 -4.21
CA ARG A 30 2.96 4.05 -4.87
C ARG A 30 3.58 4.91 -5.96
N ARG A 31 4.87 5.20 -5.82
CA ARG A 31 5.59 6.01 -6.79
C ARG A 31 5.85 5.22 -8.07
N VAL A 32 6.03 3.92 -7.92
CA VAL A 32 6.30 3.03 -9.05
C VAL A 32 5.17 2.05 -9.26
N HIS A 33 3.95 2.46 -8.91
CA HIS A 33 2.77 1.61 -9.06
C HIS A 33 2.04 1.93 -10.35
N THR A 34 1.66 3.19 -10.53
CA THR A 34 0.95 3.62 -11.72
C THR A 34 1.72 3.25 -12.98
N GLY A 35 3.04 3.22 -12.88
CA GLY A 35 3.87 2.88 -14.02
C GLY A 35 4.61 4.07 -14.58
N GLU A 36 4.07 4.67 -15.62
CA GLU A 36 4.70 5.83 -16.26
C GLU A 36 4.47 7.08 -15.42
N SER A 37 5.24 8.13 -15.72
CA SER A 37 5.13 9.39 -14.99
C SER A 37 4.75 10.53 -15.93
N GLY A 38 3.47 10.89 -15.94
CA GLY A 38 3.00 11.96 -16.80
C GLY A 38 1.78 12.65 -16.24
N PRO A 39 1.95 13.42 -15.15
CA PRO A 39 0.87 14.14 -14.51
C PRO A 39 0.03 14.93 -15.50
N SER A 40 -1.25 15.12 -15.18
CA SER A 40 -2.16 15.86 -16.04
C SER A 40 -1.58 17.23 -16.40
N SER A 41 -2.17 17.87 -17.40
CA SER A 41 -1.71 19.18 -17.84
C SER A 41 -1.66 20.16 -16.68
N GLY A 42 -2.83 20.51 -16.17
CA GLY A 42 -2.91 21.44 -15.05
C GLY A 42 -4.24 21.40 -14.34
ZN ZN B . 0.49 -1.92 -4.89
#